data_8HRY
#
_entry.id   8HRY
#
_cell.length_a   1.00
_cell.length_b   1.00
_cell.length_c   1.00
_cell.angle_alpha   90.00
_cell.angle_beta   90.00
_cell.angle_gamma   90.00
#
_symmetry.space_group_name_H-M   'P 1'
#
loop_
_entity.id
_entity.type
_entity.pdbx_description
1 polymer 'Sodium/bile acid cotransporter'
2 polymer 'Large S protein (Fragment)'
3 polymer 'Fab heavy chain from antibody IgG clone number YN9016'
4 polymer 'Fab light chain from antibody IgG clone number YN9016'
#
loop_
_entity_poly.entity_id
_entity_poly.type
_entity_poly.pdbx_seq_one_letter_code
_entity_poly.pdbx_strand_id
1 'polypeptide(L)'
;MEAHNASAPFNFTLPPNFGKRPTDLALSVILVFMLFFIMLSLGCTMEFSKIKAHLWKPKGLAIALVAQYGIMPLTAFVLG
KVFRLKNIEALAILVCGCSPGGNLSNVFSLAMKGDMNLSIVMTTCSTFCALGMMPLLLYIYSRGIYDGDLKDKVPYKGIV
ISLVLVLIPCTIGIVLKSKRPQYMRYVIKGGMIIILLCSVAVTVLSAINVGKSIMFAMTPLLIATSSLMPFIGFLLGYVL
SALFCLNGRCRRTVSMETGCQNVQLCSTILNVAFPPEVIGPLFFFPLLYMIFQLGEGLLLIAIFWCYEKFKTPKDKTKMI
ENLYFQGDYKDDDDKHHHHHHHH
;
A
2 'polypeptide(L)' GTNLSVPNPLGFFPDHQLDPAFKANSENPDWDLNPHKDNWPDANKVGDYKDDDDK B
3 'polypeptide(L)'
;EVQLQESGAELVRPGTSVKMSCKAAGYTFTNYWIGWVKQRPGHGLEWIGDIYPGGGYTNYNEKFKGKATLTADTSSSTAY
MQLSSLTSEDSALYYCARMKINNQAWFAYWGQGTLVTVSAAKTTPPSVYPLAPGSAAQTNSMVTLGCLVKGYFPEPVTVT
WNSGSLSSGVHTFPAVLQSDLYTLSSSVTVPSSTWPSETVTCNVAHPASSTKVDKKIVPRDCGCKPCICTVPEVSS
;
H
4 'polypeptide(L)'
;DIVMTQSPASLSASVGETVTITCRASENIYSYLTWYQQKQGKSPQLLVYNAKTLAEGVPSRFSGSGSGTQFSLKINSLQP
EDFGSYYCQHHYGTPFTFGTGTKLEIKRADAAPTVSIFPPSSEQLTSGGASVVCFLNNFYPKDINVKWKIDGSERQNGVL
NSWTDQDSKDSTYSMSSTLTLTKDEYERHNSYTCEATHKTSTSPIVKSFNRNEC
;
L
#
# COMPACT_ATOMS: atom_id res chain seq x y z
N ASN A 11 -19.55 -14.91 -6.24
CA ASN A 11 -19.60 -16.25 -5.68
C ASN A 11 -18.46 -17.12 -6.22
N PHE A 12 -17.62 -16.53 -7.08
CA PHE A 12 -16.50 -17.27 -7.64
C PHE A 12 -15.48 -17.58 -6.55
N THR A 13 -15.03 -18.83 -6.53
CA THR A 13 -14.02 -19.29 -5.59
C THR A 13 -12.88 -19.95 -6.35
N LEU A 14 -11.68 -19.84 -5.80
CA LEU A 14 -10.50 -20.47 -6.35
C LEU A 14 -10.04 -21.57 -5.41
N PRO A 15 -9.28 -22.56 -5.88
CA PRO A 15 -8.73 -23.56 -4.97
C PRO A 15 -7.89 -22.91 -3.90
N PRO A 16 -7.87 -23.48 -2.69
CA PRO A 16 -7.25 -22.77 -1.55
C PRO A 16 -5.80 -22.38 -1.78
N ASN A 17 -5.02 -23.22 -2.46
CA ASN A 17 -3.63 -22.92 -2.80
C ASN A 17 -3.47 -23.17 -4.29
N PHE A 18 -3.82 -22.17 -5.10
CA PHE A 18 -3.81 -22.36 -6.55
C PHE A 18 -2.40 -22.19 -7.12
N GLY A 19 -1.82 -21.01 -6.97
CA GLY A 19 -0.51 -20.77 -7.53
C GLY A 19 0.58 -21.61 -6.87
N LYS A 20 0.53 -21.74 -5.56
CA LYS A 20 1.56 -22.42 -4.79
C LYS A 20 1.10 -23.84 -4.49
N ARG A 21 1.56 -24.79 -5.29
CA ARG A 21 1.26 -26.20 -5.11
C ARG A 21 2.23 -27.05 -5.92
N PRO A 22 2.60 -28.24 -5.45
CA PRO A 22 3.52 -29.08 -6.23
C PRO A 22 3.00 -29.41 -7.61
N THR A 23 1.69 -29.63 -7.75
CA THR A 23 1.12 -29.97 -9.05
C THR A 23 1.28 -28.82 -10.03
N ASP A 24 1.05 -27.59 -9.57
CA ASP A 24 1.19 -26.43 -10.45
C ASP A 24 2.65 -26.23 -10.86
N LEU A 25 3.59 -26.46 -9.94
CA LEU A 25 5.00 -26.39 -10.28
C LEU A 25 5.35 -27.42 -11.34
N ALA A 26 4.87 -28.65 -11.15
CA ALA A 26 5.11 -29.70 -12.15
C ALA A 26 4.52 -29.32 -13.49
N LEU A 27 3.32 -28.72 -13.49
CA LEU A 27 2.70 -28.29 -14.74
C LEU A 27 3.55 -27.23 -15.44
N SER A 28 4.12 -26.30 -14.66
CA SER A 28 4.97 -25.27 -15.25
C SER A 28 6.22 -25.89 -15.87
N VAL A 29 6.86 -26.83 -15.17
CA VAL A 29 8.05 -27.47 -15.74
C VAL A 29 7.69 -28.24 -17.00
N ILE A 30 6.54 -28.93 -16.99
CA ILE A 30 6.15 -29.70 -18.16
C ILE A 30 5.86 -28.78 -19.34
N LEU A 31 5.27 -27.62 -19.08
CA LEU A 31 5.04 -26.65 -20.15
C LEU A 31 6.36 -26.14 -20.72
N VAL A 32 7.34 -25.87 -19.85
CA VAL A 32 8.64 -25.40 -20.33
C VAL A 32 9.28 -26.47 -21.21
N PHE A 33 9.24 -27.72 -20.78
CA PHE A 33 9.82 -28.80 -21.57
C PHE A 33 9.07 -28.98 -22.89
N MET A 34 7.75 -28.85 -22.87
CA MET A 34 6.96 -28.83 -24.10
C MET A 34 7.48 -27.77 -25.06
N LEU A 35 7.64 -26.54 -24.59
CA LEU A 35 8.07 -25.47 -25.47
C LEU A 35 9.44 -25.77 -26.06
N PHE A 36 10.38 -26.22 -25.21
CA PHE A 36 11.73 -26.48 -25.69
C PHE A 36 11.76 -27.59 -26.73
N PHE A 37 11.07 -28.70 -26.45
CA PHE A 37 11.13 -29.84 -27.35
C PHE A 37 10.34 -29.58 -28.63
N ILE A 38 9.24 -28.83 -28.53
CA ILE A 38 8.51 -28.44 -29.72
C ILE A 38 9.40 -27.59 -30.63
N MET A 39 10.11 -26.62 -30.05
CA MET A 39 11.00 -25.81 -30.86
C MET A 39 12.12 -26.64 -31.48
N LEU A 40 12.70 -27.56 -30.70
CA LEU A 40 13.79 -28.39 -31.22
C LEU A 40 13.32 -29.27 -32.37
N SER A 41 12.16 -29.92 -32.20
CA SER A 41 11.65 -30.78 -33.27
C SER A 41 11.23 -29.96 -34.47
N LEU A 42 10.77 -28.73 -34.25
CA LEU A 42 10.31 -27.90 -35.36
C LEU A 42 11.49 -27.32 -36.14
N GLY A 43 12.65 -27.21 -35.50
CA GLY A 43 13.82 -26.66 -36.18
C GLY A 43 14.32 -27.51 -37.33
N CYS A 44 13.83 -28.75 -37.45
CA CYS A 44 14.30 -29.62 -38.52
C CYS A 44 13.78 -29.20 -39.88
N THR A 45 12.57 -28.65 -39.93
CA THR A 45 11.88 -28.44 -41.19
C THR A 45 12.17 -27.11 -41.86
N MET A 46 13.07 -26.29 -41.30
CA MET A 46 13.36 -24.98 -41.85
C MET A 46 14.86 -24.82 -42.07
N GLU A 47 15.22 -23.99 -43.06
CA GLU A 47 16.61 -23.73 -43.41
C GLU A 47 16.83 -22.23 -43.51
N PHE A 48 18.10 -21.81 -43.41
CA PHE A 48 18.42 -20.39 -43.43
C PHE A 48 18.05 -19.74 -44.75
N SER A 49 18.28 -20.42 -45.87
CA SER A 49 18.09 -19.80 -47.18
C SER A 49 16.65 -19.40 -47.41
N LYS A 50 15.70 -20.27 -47.04
CA LYS A 50 14.29 -19.93 -47.21
C LYS A 50 13.89 -18.78 -46.31
N ILE A 51 14.44 -18.71 -45.10
CA ILE A 51 14.17 -17.58 -44.22
C ILE A 51 14.66 -16.29 -44.84
N LYS A 52 15.87 -16.30 -45.40
CA LYS A 52 16.39 -15.11 -46.09
C LYS A 52 15.50 -14.73 -47.27
N ALA A 53 15.06 -15.73 -48.05
CA ALA A 53 14.21 -15.45 -49.20
C ALA A 53 12.89 -14.82 -48.78
N HIS A 54 12.29 -15.33 -47.72
CA HIS A 54 11.02 -14.78 -47.25
C HIS A 54 11.21 -13.38 -46.66
N LEU A 55 12.35 -13.14 -46.00
CA LEU A 55 12.62 -11.82 -45.46
C LEU A 55 12.83 -10.80 -46.58
N TRP A 56 13.51 -11.20 -47.65
CA TRP A 56 13.73 -10.30 -48.78
C TRP A 56 12.43 -9.93 -49.46
N LYS A 57 11.53 -10.89 -49.61
CA LYS A 57 10.21 -10.64 -50.22
C LYS A 57 9.17 -10.55 -49.12
N PRO A 58 8.86 -9.36 -48.61
CA PRO A 58 8.03 -9.24 -47.40
C PRO A 58 6.52 -9.24 -47.66
N LYS A 59 6.06 -9.69 -48.83
CA LYS A 59 4.63 -9.68 -49.12
C LYS A 59 3.86 -10.52 -48.12
N GLY A 60 4.26 -11.78 -47.93
CA GLY A 60 3.57 -12.64 -46.98
C GLY A 60 3.70 -12.15 -45.55
N LEU A 61 4.88 -11.70 -45.17
CA LEU A 61 5.10 -11.19 -43.82
C LEU A 61 4.20 -9.98 -43.54
N ALA A 62 4.18 -9.03 -44.47
CA ALA A 62 3.37 -7.82 -44.29
C ALA A 62 1.89 -8.15 -44.26
N ILE A 63 1.43 -9.03 -45.16
CA ILE A 63 0.01 -9.34 -45.18
C ILE A 63 -0.38 -10.08 -43.90
N ALA A 64 0.51 -10.92 -43.37
CA ALA A 64 0.22 -11.60 -42.11
C ALA A 64 0.10 -10.61 -40.96
N LEU A 65 1.02 -9.65 -40.87
CA LEU A 65 0.91 -8.65 -39.81
C LEU A 65 -0.37 -7.84 -39.96
N VAL A 66 -0.69 -7.43 -41.19
CA VAL A 66 -1.89 -6.64 -41.42
C VAL A 66 -3.12 -7.41 -40.99
N ALA A 67 -3.22 -8.67 -41.39
CA ALA A 67 -4.37 -9.49 -41.00
C ALA A 67 -4.46 -9.59 -39.48
N GLN A 68 -3.37 -9.99 -38.82
CA GLN A 68 -3.42 -10.18 -37.39
C GLN A 68 -3.84 -8.91 -36.67
N TYR A 69 -3.13 -7.80 -36.92
CA TYR A 69 -3.30 -6.60 -36.13
C TYR A 69 -4.41 -5.69 -36.65
N GLY A 70 -5.10 -6.07 -37.71
CA GLY A 70 -6.27 -5.34 -38.13
C GLY A 70 -7.54 -6.15 -37.97
N ILE A 71 -7.40 -7.43 -37.64
CA ILE A 71 -8.55 -8.30 -37.45
C ILE A 71 -8.74 -8.68 -35.99
N MET A 72 -7.71 -9.18 -35.32
CA MET A 72 -7.90 -9.69 -33.95
C MET A 72 -8.44 -8.63 -32.99
N PRO A 73 -7.83 -7.45 -32.84
CA PRO A 73 -8.48 -6.44 -31.99
C PRO A 73 -9.84 -6.03 -32.52
N LEU A 74 -9.98 -5.97 -33.84
CA LEU A 74 -11.25 -5.55 -34.43
C LEU A 74 -12.35 -6.57 -34.14
N THR A 75 -12.05 -7.86 -34.33
CA THR A 75 -13.07 -8.87 -34.06
C THR A 75 -13.35 -8.97 -32.57
N ALA A 76 -12.34 -8.74 -31.73
CA ALA A 76 -12.60 -8.72 -30.30
C ALA A 76 -13.57 -7.60 -29.93
N PHE A 77 -13.32 -6.39 -30.42
CA PHE A 77 -14.19 -5.27 -30.11
C PHE A 77 -15.60 -5.50 -30.66
N VAL A 78 -15.70 -6.00 -31.89
CA VAL A 78 -17.02 -6.24 -32.49
C VAL A 78 -17.77 -7.31 -31.72
N LEU A 79 -17.08 -8.38 -31.32
CA LEU A 79 -17.74 -9.44 -30.56
C LEU A 79 -18.24 -8.92 -29.22
N GLY A 80 -17.42 -8.13 -28.53
CA GLY A 80 -17.84 -7.56 -27.26
C GLY A 80 -19.03 -6.64 -27.41
N LYS A 81 -19.02 -5.80 -28.45
CA LYS A 81 -20.15 -4.89 -28.66
C LYS A 81 -21.42 -5.64 -29.03
N VAL A 82 -21.28 -6.69 -29.85
CA VAL A 82 -22.45 -7.43 -30.32
C VAL A 82 -23.09 -8.20 -29.18
N PHE A 83 -22.28 -8.90 -28.38
CA PHE A 83 -22.82 -9.73 -27.32
C PHE A 83 -23.15 -8.94 -26.06
N ARG A 84 -22.89 -7.64 -26.04
CA ARG A 84 -23.20 -6.79 -24.89
C ARG A 84 -22.58 -7.35 -23.62
N LEU A 85 -21.30 -7.71 -23.72
CA LEU A 85 -20.59 -8.29 -22.59
C LEU A 85 -20.36 -7.24 -21.50
N LYS A 86 -20.08 -7.73 -20.30
CA LYS A 86 -19.69 -6.86 -19.21
C LYS A 86 -18.35 -6.19 -19.52
N ASN A 87 -18.12 -5.04 -18.88
CA ASN A 87 -16.93 -4.26 -19.19
C ASN A 87 -15.66 -5.06 -18.94
N ILE A 88 -15.61 -5.81 -17.84
CA ILE A 88 -14.42 -6.61 -17.54
C ILE A 88 -14.21 -7.70 -18.60
N GLU A 89 -15.30 -8.35 -19.02
CA GLU A 89 -15.18 -9.38 -20.05
C GLU A 89 -14.75 -8.79 -21.38
N ALA A 90 -15.31 -7.63 -21.74
CA ALA A 90 -14.92 -6.98 -22.99
C ALA A 90 -13.45 -6.62 -22.96
N LEU A 91 -12.98 -6.07 -21.83
CA LEU A 91 -11.56 -5.75 -21.71
C LEU A 91 -10.69 -7.01 -21.80
N ALA A 92 -11.14 -8.10 -21.19
CA ALA A 92 -10.36 -9.33 -21.23
C ALA A 92 -10.22 -9.84 -22.66
N ILE A 93 -11.32 -9.92 -23.40
CA ILE A 93 -11.22 -10.42 -24.77
C ILE A 93 -10.46 -9.42 -25.65
N LEU A 94 -10.55 -8.13 -25.35
CA LEU A 94 -9.78 -7.15 -26.10
C LEU A 94 -8.28 -7.35 -25.89
N VAL A 95 -7.86 -7.59 -24.65
CA VAL A 95 -6.45 -7.84 -24.37
C VAL A 95 -6.01 -9.14 -25.03
N CYS A 96 -6.88 -10.15 -25.02
CA CYS A 96 -6.55 -11.40 -25.70
C CYS A 96 -6.35 -11.19 -27.19
N GLY A 97 -7.20 -10.38 -27.82
CA GLY A 97 -7.05 -10.09 -29.23
C GLY A 97 -5.81 -9.29 -29.54
N CYS A 98 -5.47 -8.34 -28.67
CA CYS A 98 -4.30 -7.50 -28.89
C CYS A 98 -2.99 -8.26 -28.70
N SER A 99 -3.03 -9.47 -28.16
CA SER A 99 -1.82 -10.23 -27.91
C SER A 99 -1.22 -10.71 -29.22
N PRO A 100 0.09 -10.96 -29.25
CA PRO A 100 0.72 -11.49 -30.45
C PRO A 100 0.34 -12.95 -30.69
N GLY A 101 0.55 -13.39 -31.92
CA GLY A 101 0.36 -14.79 -32.28
C GLY A 101 1.27 -15.71 -31.50
N GLY A 102 0.71 -16.78 -30.96
CA GLY A 102 1.48 -17.73 -30.19
C GLY A 102 2.28 -18.67 -31.07
N ASN A 103 3.10 -19.49 -30.42
CA ASN A 103 3.92 -20.46 -31.13
C ASN A 103 3.16 -21.74 -31.48
N LEU A 104 1.94 -21.90 -30.97
CA LEU A 104 1.11 -23.03 -31.39
C LEU A 104 0.76 -22.94 -32.87
N SER A 105 0.78 -21.72 -33.42
CA SER A 105 0.55 -21.55 -34.85
C SER A 105 1.61 -22.28 -35.67
N ASN A 106 2.86 -22.29 -35.19
CA ASN A 106 3.92 -23.01 -35.90
C ASN A 106 3.64 -24.50 -35.94
N VAL A 107 3.21 -25.07 -34.81
CA VAL A 107 2.88 -26.50 -34.78
C VAL A 107 1.71 -26.79 -35.72
N PHE A 108 0.69 -25.92 -35.69
CA PHE A 108 -0.46 -26.13 -36.56
C PHE A 108 -0.08 -26.03 -38.03
N SER A 109 0.82 -25.11 -38.37
CA SER A 109 1.32 -25.01 -39.74
C SER A 109 2.09 -26.27 -40.13
N LEU A 110 2.86 -26.82 -39.19
CA LEU A 110 3.53 -28.10 -39.45
C LEU A 110 2.51 -29.19 -39.71
N ALA A 111 1.37 -29.13 -39.03
CA ALA A 111 0.32 -30.12 -39.27
C ALA A 111 -0.29 -29.99 -40.66
N MET A 112 -0.23 -28.81 -41.27
CA MET A 112 -0.72 -28.62 -42.63
C MET A 112 0.39 -28.37 -43.64
N LYS A 113 1.63 -28.79 -43.34
CA LYS A 113 2.79 -28.66 -44.23
C LYS A 113 2.80 -27.29 -44.92
N GLY A 114 2.92 -26.25 -44.10
CA GLY A 114 2.68 -24.90 -44.56
C GLY A 114 3.85 -23.95 -44.64
N ASP A 115 5.00 -24.40 -45.15
CA ASP A 115 6.15 -23.53 -45.41
C ASP A 115 6.60 -22.84 -44.11
N MET A 116 7.13 -23.69 -43.21
CA MET A 116 7.40 -23.26 -41.84
C MET A 116 8.37 -22.09 -41.74
N ASN A 117 9.19 -21.85 -42.77
CA ASN A 117 10.07 -20.69 -42.74
C ASN A 117 9.25 -19.40 -42.63
N LEU A 118 8.25 -19.26 -43.47
CA LEU A 118 7.36 -18.11 -43.39
C LEU A 118 6.63 -18.08 -42.06
N SER A 119 6.28 -19.26 -41.53
CA SER A 119 5.56 -19.31 -40.25
C SER A 119 6.41 -18.75 -39.12
N ILE A 120 7.66 -19.19 -39.01
CA ILE A 120 8.50 -18.71 -37.91
C ILE A 120 8.86 -17.24 -38.12
N VAL A 121 9.09 -16.82 -39.37
CA VAL A 121 9.36 -15.40 -39.61
C VAL A 121 8.17 -14.56 -39.17
N MET A 122 6.95 -14.99 -39.53
CA MET A 122 5.75 -14.26 -39.14
C MET A 122 5.60 -14.23 -37.63
N THR A 123 5.86 -15.35 -36.96
CA THR A 123 5.74 -15.37 -35.50
C THR A 123 6.69 -14.39 -34.85
N THR A 124 7.96 -14.40 -35.27
CA THR A 124 8.95 -13.51 -34.66
C THR A 124 8.62 -12.05 -34.93
N CYS A 125 8.27 -11.71 -36.17
CA CYS A 125 7.94 -10.32 -36.49
C CYS A 125 6.66 -9.90 -35.76
N SER A 126 5.70 -10.81 -35.62
CA SER A 126 4.47 -10.48 -34.90
C SER A 126 4.75 -10.18 -33.44
N THR A 127 5.60 -10.99 -32.80
CA THR A 127 5.96 -10.71 -31.40
C THR A 127 6.68 -9.38 -31.27
N PHE A 128 7.63 -9.11 -32.17
CA PHE A 128 8.38 -7.86 -32.10
C PHE A 128 7.47 -6.66 -32.32
N CYS A 129 6.55 -6.74 -33.27
CA CYS A 129 5.61 -5.65 -33.48
C CYS A 129 4.61 -5.55 -32.33
N ALA A 130 4.33 -6.67 -31.67
CA ALA A 130 3.45 -6.63 -30.51
C ALA A 130 4.05 -5.80 -29.40
N LEU A 131 5.33 -6.05 -29.07
CA LEU A 131 5.92 -5.36 -27.93
C LEU A 131 5.89 -3.85 -28.13
N GLY A 132 5.73 -3.40 -29.38
CA GLY A 132 5.61 -1.97 -29.62
C GLY A 132 4.17 -1.50 -29.67
N MET A 133 3.33 -2.15 -30.47
CA MET A 133 2.01 -1.61 -30.82
C MET A 133 0.87 -2.20 -30.01
N MET A 134 1.12 -3.12 -29.08
CA MET A 134 0.05 -3.60 -28.22
C MET A 134 -0.51 -2.51 -27.32
N PRO A 135 0.30 -1.70 -26.63
CA PRO A 135 -0.29 -0.58 -25.88
C PRO A 135 -1.05 0.41 -26.75
N LEU A 136 -0.59 0.63 -27.98
CA LEU A 136 -1.29 1.56 -28.87
C LEU A 136 -2.68 1.04 -29.21
N LEU A 137 -2.78 -0.25 -29.57
CA LEU A 137 -4.08 -0.84 -29.86
C LEU A 137 -4.96 -0.85 -28.62
N LEU A 138 -4.37 -1.13 -27.45
CA LEU A 138 -5.14 -1.08 -26.21
C LEU A 138 -5.71 0.31 -25.97
N TYR A 139 -4.91 1.35 -26.18
CA TYR A 139 -5.38 2.71 -25.97
C TYR A 139 -6.47 3.09 -26.96
N ILE A 140 -6.29 2.73 -28.24
CA ILE A 140 -7.25 3.15 -29.27
C ILE A 140 -8.45 2.22 -29.38
N TYR A 141 -8.48 1.13 -28.61
CA TYR A 141 -9.62 0.23 -28.63
C TYR A 141 -10.34 0.12 -27.30
N SER A 142 -9.74 0.55 -26.19
CA SER A 142 -10.39 0.51 -24.89
C SER A 142 -11.06 1.83 -24.54
N ARG A 143 -11.20 2.74 -25.49
CA ARG A 143 -11.92 3.99 -25.25
C ARG A 143 -13.39 3.69 -24.99
N GLY A 144 -13.82 3.82 -23.74
CA GLY A 144 -15.18 3.52 -23.33
C GLY A 144 -15.25 2.52 -22.20
N ILE A 145 -14.25 1.65 -22.07
CA ILE A 145 -14.19 0.67 -21.00
C ILE A 145 -12.81 0.77 -20.34
N TYR A 146 -12.80 0.89 -19.01
CA TYR A 146 -11.57 1.02 -18.25
C TYR A 146 -10.74 2.21 -18.70
N ASP A 147 -11.22 3.42 -18.42
CA ASP A 147 -10.47 4.64 -18.75
C ASP A 147 -9.05 4.62 -18.18
N GLY A 148 -8.73 3.67 -17.31
CA GLY A 148 -7.37 3.57 -16.79
C GLY A 148 -6.37 3.33 -17.89
N ASP A 149 -5.10 3.62 -17.59
CA ASP A 149 -4.05 3.64 -18.60
C ASP A 149 -3.81 2.29 -19.25
N LEU A 150 -3.59 1.26 -18.43
CA LEU A 150 -3.41 -0.12 -18.91
C LEU A 150 -2.27 -0.25 -19.91
N LYS A 151 -1.33 0.70 -19.92
CA LYS A 151 -0.24 0.65 -20.88
C LYS A 151 1.10 0.29 -20.24
N ASP A 152 1.22 0.45 -18.92
CA ASP A 152 2.43 0.01 -18.24
C ASP A 152 2.28 -1.40 -17.71
N LYS A 153 1.09 -1.99 -17.86
CA LYS A 153 0.86 -3.34 -17.33
C LYS A 153 1.31 -4.41 -18.32
N VAL A 154 1.46 -4.05 -19.59
CA VAL A 154 1.91 -4.99 -20.60
C VAL A 154 3.39 -5.28 -20.43
N PRO A 155 3.80 -6.56 -20.38
CA PRO A 155 5.22 -6.87 -20.22
C PRO A 155 6.02 -6.48 -21.46
N TYR A 156 7.20 -5.91 -21.23
CA TYR A 156 8.05 -5.45 -22.32
C TYR A 156 9.35 -6.24 -22.39
N LYS A 157 10.12 -6.29 -21.30
CA LYS A 157 11.35 -7.07 -21.32
C LYS A 157 11.05 -8.56 -21.39
N GLY A 158 9.97 -9.00 -20.76
CA GLY A 158 9.61 -10.41 -20.81
C GLY A 158 9.35 -10.88 -22.22
N ILE A 159 8.77 -10.01 -23.05
CA ILE A 159 8.50 -10.38 -24.45
C ILE A 159 9.80 -10.66 -25.18
N VAL A 160 10.79 -9.78 -25.03
CA VAL A 160 12.07 -9.97 -25.70
C VAL A 160 12.77 -11.22 -25.19
N ILE A 161 12.77 -11.42 -23.87
CA ILE A 161 13.42 -12.61 -23.31
C ILE A 161 12.74 -13.87 -23.82
N SER A 162 11.41 -13.89 -23.86
CA SER A 162 10.69 -15.05 -24.36
C SER A 162 10.98 -15.31 -25.82
N LEU A 163 11.05 -14.25 -26.63
CA LEU A 163 11.36 -14.41 -28.04
C LEU A 163 12.74 -15.03 -28.22
N VAL A 164 13.73 -14.54 -27.48
CA VAL A 164 15.09 -15.08 -27.60
C VAL A 164 15.13 -16.53 -27.13
N LEU A 165 14.46 -16.82 -26.01
CA LEU A 165 14.49 -18.18 -25.46
C LEU A 165 13.75 -19.15 -26.36
N VAL A 166 12.76 -18.66 -27.11
CA VAL A 166 12.10 -19.52 -28.10
C VAL A 166 13.01 -19.74 -29.30
N LEU A 167 13.69 -18.69 -29.75
CA LEU A 167 14.50 -18.80 -30.96
C LEU A 167 15.74 -19.64 -30.76
N ILE A 168 16.25 -19.73 -29.52
CA ILE A 168 17.49 -20.46 -29.29
C ILE A 168 17.37 -21.94 -29.67
N PRO A 169 16.43 -22.72 -29.11
CA PRO A 169 16.36 -24.14 -29.51
C PRO A 169 16.05 -24.34 -30.98
N CYS A 170 15.24 -23.46 -31.58
CA CYS A 170 14.94 -23.60 -32.99
C CYS A 170 16.18 -23.42 -33.85
N THR A 171 17.01 -22.42 -33.53
CA THR A 171 18.25 -22.25 -34.30
C THR A 171 19.22 -23.39 -34.01
N ILE A 172 19.17 -23.95 -32.80
CA ILE A 172 20.00 -25.12 -32.50
C ILE A 172 19.59 -26.29 -33.40
N GLY A 173 18.29 -26.53 -33.53
CA GLY A 173 17.82 -27.58 -34.41
C GLY A 173 18.14 -27.32 -35.86
N ILE A 174 18.04 -26.05 -36.29
CA ILE A 174 18.35 -25.70 -37.67
C ILE A 174 19.81 -25.97 -37.98
N VAL A 175 20.71 -25.58 -37.06
CA VAL A 175 22.13 -25.83 -37.24
C VAL A 175 22.41 -27.33 -37.26
N LEU A 176 21.78 -28.08 -36.35
CA LEU A 176 21.96 -29.52 -36.33
C LEU A 176 21.50 -30.16 -37.63
N LYS A 177 20.44 -29.62 -38.22
CA LYS A 177 19.99 -30.07 -39.54
C LYS A 177 21.02 -29.79 -40.61
N SER A 178 21.37 -28.51 -40.77
CA SER A 178 22.22 -28.10 -41.88
C SER A 178 23.61 -28.74 -41.78
N LYS A 179 24.06 -29.05 -40.57
CA LYS A 179 25.37 -29.64 -40.41
C LYS A 179 25.38 -31.12 -40.77
N ARG A 180 24.44 -31.90 -40.22
CA ARG A 180 24.49 -33.35 -40.38
C ARG A 180 23.11 -33.98 -40.21
N PRO A 181 22.46 -34.35 -41.32
CA PRO A 181 21.11 -34.94 -41.21
C PRO A 181 21.01 -36.17 -40.35
N GLN A 182 22.13 -36.85 -40.05
CA GLN A 182 22.08 -38.23 -39.57
C GLN A 182 21.31 -38.35 -38.25
N TYR A 183 21.12 -37.25 -37.54
CA TYR A 183 20.47 -37.32 -36.23
C TYR A 183 18.98 -37.05 -36.28
N MET A 184 18.38 -36.96 -37.47
CA MET A 184 16.93 -36.80 -37.55
C MET A 184 16.21 -38.02 -36.98
N ARG A 185 16.54 -39.21 -37.44
CA ARG A 185 15.84 -40.41 -37.02
C ARG A 185 16.26 -40.89 -35.64
N TYR A 186 17.25 -40.24 -35.02
CA TYR A 186 17.65 -40.56 -33.66
C TYR A 186 17.17 -39.56 -32.64
N VAL A 187 16.83 -38.34 -33.05
CA VAL A 187 16.38 -37.30 -32.13
C VAL A 187 14.92 -36.91 -32.33
N ILE A 188 14.43 -36.83 -33.57
CA ILE A 188 13.06 -36.40 -33.83
C ILE A 188 12.06 -37.37 -33.23
N LYS A 189 12.29 -38.68 -33.39
CA LYS A 189 11.37 -39.66 -32.84
C LYS A 189 11.30 -39.58 -31.32
N GLY A 190 12.46 -39.41 -30.68
CA GLY A 190 12.46 -39.26 -29.23
C GLY A 190 11.74 -37.99 -28.79
N GLY A 191 12.00 -36.88 -29.48
CA GLY A 191 11.31 -35.64 -29.15
C GLY A 191 9.80 -35.77 -29.31
N MET A 192 9.36 -36.46 -30.35
CA MET A 192 7.94 -36.70 -30.53
C MET A 192 7.37 -37.52 -29.39
N ILE A 193 8.10 -38.55 -28.94
CA ILE A 193 7.63 -39.36 -27.83
C ILE A 193 7.47 -38.52 -26.57
N ILE A 194 8.51 -37.75 -26.21
CA ILE A 194 8.41 -36.91 -25.01
C ILE A 194 7.31 -35.88 -25.16
N ILE A 195 7.11 -35.36 -26.38
CA ILE A 195 6.02 -34.42 -26.61
C ILE A 195 4.69 -35.08 -26.31
N LEU A 196 4.51 -36.33 -26.74
CA LEU A 196 3.25 -37.03 -26.49
C LEU A 196 3.03 -37.25 -24.99
N LEU A 197 4.03 -37.78 -24.28
CA LEU A 197 3.83 -38.01 -22.84
C LEU A 197 3.60 -36.69 -22.11
N CYS A 198 4.34 -35.64 -22.49
CA CYS A 198 4.17 -34.36 -21.83
C CYS A 198 2.80 -33.76 -22.13
N SER A 199 2.26 -33.99 -23.31
CA SER A 199 0.91 -33.51 -23.61
C SER A 199 -0.13 -34.21 -22.77
N VAL A 200 0.01 -35.53 -22.62
CA VAL A 200 -0.91 -36.26 -21.74
C VAL A 200 -0.79 -35.74 -20.31
N ALA A 201 0.45 -35.53 -19.85
CA ALA A 201 0.67 -35.00 -18.51
C ALA A 201 0.07 -33.62 -18.35
N VAL A 202 0.19 -32.77 -19.37
CA VAL A 202 -0.39 -31.43 -19.32
C VAL A 202 -1.90 -31.51 -19.18
N THR A 203 -2.54 -32.38 -19.97
CA THR A 203 -3.99 -32.49 -19.88
C THR A 203 -4.42 -32.94 -18.49
N VAL A 204 -3.81 -34.01 -17.97
CA VAL A 204 -4.23 -34.51 -16.66
C VAL A 204 -3.89 -33.52 -15.55
N LEU A 205 -2.77 -32.80 -15.68
CA LEU A 205 -2.36 -31.88 -14.63
C LEU A 205 -3.26 -30.64 -14.62
N SER A 206 -3.64 -30.14 -15.79
CA SER A 206 -4.60 -29.05 -15.85
C SER A 206 -5.95 -29.48 -15.29
N ALA A 207 -6.38 -30.71 -15.60
CA ALA A 207 -7.64 -31.21 -15.05
C ALA A 207 -7.58 -31.28 -13.54
N ILE A 208 -6.45 -31.73 -12.97
CA ILE A 208 -6.32 -31.81 -11.53
C ILE A 208 -6.30 -30.43 -10.91
N ASN A 209 -5.49 -29.52 -11.47
CA ASN A 209 -5.30 -28.20 -10.87
C ASN A 209 -6.57 -27.38 -10.91
N VAL A 210 -7.26 -27.36 -12.07
CA VAL A 210 -8.44 -26.53 -12.20
C VAL A 210 -9.55 -27.03 -11.28
N GLY A 211 -9.76 -28.33 -11.24
CA GLY A 211 -10.80 -28.87 -10.38
C GLY A 211 -12.18 -28.52 -10.91
N LYS A 212 -13.10 -28.22 -9.99
CA LYS A 212 -14.48 -27.90 -10.33
C LYS A 212 -14.75 -26.41 -10.37
N SER A 213 -13.71 -25.58 -10.27
CA SER A 213 -13.92 -24.13 -10.33
C SER A 213 -14.19 -23.64 -11.74
N ILE A 214 -13.90 -24.47 -12.74
CA ILE A 214 -14.07 -24.06 -14.13
C ILE A 214 -15.54 -23.83 -14.46
N MET A 215 -16.45 -24.49 -13.73
CA MET A 215 -17.87 -24.37 -14.03
C MET A 215 -18.35 -22.94 -13.87
N PHE A 216 -17.68 -22.17 -13.01
CA PHE A 216 -18.00 -20.74 -12.91
C PHE A 216 -17.66 -20.01 -14.20
N ALA A 217 -16.53 -20.36 -14.82
CA ALA A 217 -16.16 -19.75 -16.09
C ALA A 217 -17.14 -20.14 -17.20
N MET A 218 -17.76 -21.32 -17.08
CA MET A 218 -18.75 -21.74 -18.06
C MET A 218 -19.99 -20.85 -17.98
N THR A 219 -20.23 -20.11 -19.05
CA THR A 219 -21.36 -19.22 -19.16
C THR A 219 -21.65 -19.00 -20.64
N PRO A 220 -22.91 -18.85 -21.02
CA PRO A 220 -23.24 -18.86 -22.46
C PRO A 220 -22.58 -17.75 -23.26
N LEU A 221 -22.17 -16.66 -22.62
CA LEU A 221 -21.55 -15.56 -23.34
C LEU A 221 -20.04 -15.75 -23.53
N LEU A 222 -19.33 -16.09 -22.44
CA LEU A 222 -17.89 -16.27 -22.55
C LEU A 222 -17.55 -17.42 -23.49
N ILE A 223 -18.29 -18.53 -23.39
CA ILE A 223 -18.05 -19.66 -24.28
C ILE A 223 -18.29 -19.25 -25.72
N ALA A 224 -19.37 -18.51 -25.98
CA ALA A 224 -19.67 -18.08 -27.34
C ALA A 224 -18.56 -17.21 -27.91
N THR A 225 -18.09 -16.23 -27.14
CA THR A 225 -17.05 -15.34 -27.66
C THR A 225 -15.74 -16.08 -27.85
N SER A 226 -15.33 -16.91 -26.87
CA SER A 226 -14.07 -17.61 -26.97
C SER A 226 -14.10 -18.73 -27.99
N SER A 227 -15.30 -19.13 -28.45
CA SER A 227 -15.37 -20.09 -29.55
C SER A 227 -15.41 -19.36 -30.89
N LEU A 228 -16.07 -18.20 -30.94
CA LEU A 228 -16.14 -17.47 -32.20
C LEU A 228 -14.81 -16.86 -32.57
N MET A 229 -14.03 -16.44 -31.57
CA MET A 229 -12.81 -15.68 -31.88
C MET A 229 -11.78 -16.45 -32.69
N PRO A 230 -11.32 -17.65 -32.31
CA PRO A 230 -10.31 -18.31 -33.14
C PRO A 230 -10.83 -18.76 -34.49
N PHE A 231 -12.08 -19.22 -34.55
CA PHE A 231 -12.66 -19.62 -35.84
C PHE A 231 -12.78 -18.43 -36.77
N ILE A 232 -13.25 -17.29 -36.27
CA ILE A 232 -13.33 -16.09 -37.08
C ILE A 232 -11.93 -15.67 -37.52
N GLY A 233 -10.95 -15.81 -36.63
CA GLY A 233 -9.58 -15.48 -37.01
C GLY A 233 -9.08 -16.34 -38.16
N PHE A 234 -9.27 -17.65 -38.06
CA PHE A 234 -8.85 -18.54 -39.13
C PHE A 234 -9.53 -18.20 -40.44
N LEU A 235 -10.85 -18.03 -40.40
CA LEU A 235 -11.60 -17.78 -41.63
C LEU A 235 -11.19 -16.46 -42.27
N LEU A 236 -11.10 -15.39 -41.46
CA LEU A 236 -10.74 -14.09 -42.00
C LEU A 236 -9.31 -14.09 -42.53
N GLY A 237 -8.39 -14.77 -41.84
CA GLY A 237 -7.03 -14.85 -42.35
C GLY A 237 -6.95 -15.57 -43.67
N TYR A 238 -7.66 -16.70 -43.79
CA TYR A 238 -7.67 -17.43 -45.06
C TYR A 238 -8.26 -16.58 -46.17
N VAL A 239 -9.38 -15.90 -45.91
CA VAL A 239 -10.03 -15.10 -46.94
C VAL A 239 -9.13 -13.96 -47.38
N LEU A 240 -8.55 -13.25 -46.40
CA LEU A 240 -7.74 -12.08 -46.73
C LEU A 240 -6.45 -12.48 -47.43
N SER A 241 -5.86 -13.62 -47.07
CA SER A 241 -4.63 -14.05 -47.73
C SER A 241 -4.92 -14.56 -49.14
N ALA A 242 -6.05 -15.24 -49.34
CA ALA A 242 -6.42 -15.68 -50.68
C ALA A 242 -6.79 -14.50 -51.56
N LEU A 243 -7.29 -13.42 -50.96
CA LEU A 243 -7.68 -12.24 -51.73
C LEU A 243 -6.46 -11.60 -52.40
N PHE A 244 -5.28 -11.73 -51.80
CA PHE A 244 -4.07 -11.13 -52.34
C PHE A 244 -3.29 -12.05 -53.27
N CYS A 245 -3.93 -13.11 -53.77
CA CYS A 245 -3.30 -14.03 -54.73
C CYS A 245 -2.02 -14.65 -54.15
N LEU A 246 -2.05 -14.93 -52.86
CA LEU A 246 -0.90 -15.57 -52.22
C LEU A 246 -0.90 -17.07 -52.52
N ASN A 247 0.27 -17.70 -52.33
CA ASN A 247 0.39 -19.13 -52.57
C ASN A 247 -0.46 -19.91 -51.58
N GLY A 248 -0.98 -21.05 -52.04
CA GLY A 248 -1.89 -21.84 -51.20
C GLY A 248 -1.26 -22.26 -49.89
N ARG A 249 0.00 -22.70 -49.93
CA ARG A 249 0.71 -23.03 -48.70
C ARG A 249 0.83 -21.80 -47.81
N CYS A 250 1.17 -20.66 -48.41
CA CYS A 250 1.23 -19.42 -47.66
C CYS A 250 -0.14 -19.03 -47.12
N ARG A 251 -1.19 -19.25 -47.92
CA ARG A 251 -2.54 -18.99 -47.43
C ARG A 251 -2.86 -19.81 -46.19
N ARG A 252 -2.55 -21.11 -46.23
CA ARG A 252 -2.84 -21.96 -45.09
C ARG A 252 -2.05 -21.52 -43.85
N THR A 253 -0.76 -21.25 -44.00
CA THR A 253 0.02 -20.90 -42.82
C THR A 253 -0.40 -19.54 -42.27
N VAL A 254 -0.72 -18.57 -43.13
CA VAL A 254 -1.16 -17.27 -42.64
C VAL A 254 -2.49 -17.40 -41.92
N SER A 255 -3.42 -18.16 -42.49
CA SER A 255 -4.72 -18.35 -41.84
C SER A 255 -4.56 -19.04 -40.49
N MET A 256 -3.68 -20.02 -40.40
CA MET A 256 -3.54 -20.76 -39.15
C MET A 256 -2.78 -19.93 -38.11
N GLU A 257 -1.91 -19.03 -38.56
CA GLU A 257 -1.18 -18.20 -37.61
C GLU A 257 -2.05 -17.07 -37.08
N THR A 258 -2.86 -16.45 -37.94
CA THR A 258 -3.62 -15.29 -37.50
C THR A 258 -4.68 -15.65 -36.47
N GLY A 259 -5.07 -16.92 -36.38
CA GLY A 259 -6.07 -17.30 -35.40
C GLY A 259 -5.47 -17.62 -34.04
N CYS A 260 -4.27 -18.17 -34.02
CA CYS A 260 -3.62 -18.51 -32.76
C CYS A 260 -3.19 -17.24 -32.03
N GLN A 261 -3.30 -17.27 -30.71
CA GLN A 261 -2.98 -16.12 -29.88
C GLN A 261 -2.19 -16.58 -28.65
N ASN A 262 -1.46 -15.64 -28.07
CA ASN A 262 -0.69 -15.88 -26.86
C ASN A 262 -1.49 -15.32 -25.68
N VAL A 263 -2.27 -16.19 -25.03
CA VAL A 263 -3.15 -15.76 -23.94
C VAL A 263 -2.43 -15.54 -22.63
N GLN A 264 -1.18 -15.98 -22.52
CA GLN A 264 -0.42 -15.80 -21.29
C GLN A 264 -0.20 -14.32 -21.01
N LEU A 265 0.05 -13.52 -22.06
CA LEU A 265 0.17 -12.08 -21.89
C LEU A 265 -1.10 -11.47 -21.33
N CYS A 266 -2.25 -11.90 -21.86
CA CYS A 266 -3.52 -11.39 -21.34
C CYS A 266 -3.71 -11.77 -19.88
N SER A 267 -3.37 -13.01 -19.53
CA SER A 267 -3.50 -13.43 -18.14
C SER A 267 -2.65 -12.56 -17.22
N THR A 268 -1.39 -12.36 -17.56
CA THR A 268 -0.52 -11.54 -16.71
C THR A 268 -1.00 -10.10 -16.64
N ILE A 269 -1.42 -9.52 -17.77
CA ILE A 269 -1.86 -8.13 -17.76
C ILE A 269 -3.09 -7.95 -16.90
N LEU A 270 -4.06 -8.86 -17.04
CA LEU A 270 -5.27 -8.76 -16.23
C LEU A 270 -4.97 -8.97 -14.75
N ASN A 271 -4.04 -9.87 -14.44
CA ASN A 271 -3.67 -10.09 -13.04
C ASN A 271 -3.00 -8.85 -12.45
N VAL A 272 -2.15 -8.19 -13.23
CA VAL A 272 -1.46 -7.01 -12.73
C VAL A 272 -2.41 -5.84 -12.55
N ALA A 273 -3.31 -5.63 -13.51
CA ALA A 273 -4.11 -4.42 -13.52
C ALA A 273 -5.14 -4.39 -12.40
N PHE A 274 -5.76 -5.52 -12.09
CA PHE A 274 -6.91 -5.57 -11.20
C PHE A 274 -6.67 -6.56 -10.08
N PRO A 275 -7.34 -6.38 -8.95
CA PRO A 275 -7.28 -7.38 -7.88
C PRO A 275 -7.96 -8.67 -8.30
N PRO A 276 -7.64 -9.79 -7.66
CA PRO A 276 -8.26 -11.07 -8.06
C PRO A 276 -9.77 -11.07 -7.95
N GLU A 277 -10.35 -10.26 -7.05
CA GLU A 277 -11.79 -10.29 -6.87
C GLU A 277 -12.53 -9.62 -8.04
N VAL A 278 -11.88 -8.65 -8.71
CA VAL A 278 -12.53 -7.97 -9.82
C VAL A 278 -12.66 -8.91 -11.02
N ILE A 279 -11.64 -9.72 -11.28
CA ILE A 279 -11.58 -10.56 -12.46
C ILE A 279 -11.94 -12.02 -12.14
N GLY A 280 -12.65 -12.26 -11.05
CA GLY A 280 -12.91 -13.59 -10.54
C GLY A 280 -13.32 -14.65 -11.55
N PRO A 281 -14.50 -14.50 -12.15
CA PRO A 281 -15.02 -15.61 -12.98
C PRO A 281 -14.26 -15.81 -14.28
N LEU A 282 -13.68 -14.76 -14.84
CA LEU A 282 -12.98 -14.86 -16.12
C LEU A 282 -11.48 -15.01 -15.94
N PHE A 283 -11.02 -15.38 -14.75
CA PHE A 283 -9.61 -15.71 -14.57
C PHE A 283 -9.21 -16.90 -15.42
N PHE A 284 -10.18 -17.74 -15.81
CA PHE A 284 -9.94 -18.91 -16.63
C PHE A 284 -10.13 -18.65 -18.11
N PHE A 285 -10.39 -17.40 -18.51
CA PHE A 285 -10.61 -17.12 -19.93
C PHE A 285 -9.44 -17.50 -20.82
N PRO A 286 -8.18 -17.24 -20.46
CA PRO A 286 -7.08 -17.74 -21.30
C PRO A 286 -7.12 -19.24 -21.50
N LEU A 287 -7.49 -20.00 -20.47
CA LEU A 287 -7.59 -21.44 -20.62
C LEU A 287 -8.71 -21.81 -21.59
N LEU A 288 -9.86 -21.14 -21.49
CA LEU A 288 -10.96 -21.42 -22.41
C LEU A 288 -10.54 -21.14 -23.84
N TYR A 289 -9.88 -20.00 -24.06
CA TYR A 289 -9.41 -19.67 -25.40
C TYR A 289 -8.41 -20.70 -25.90
N MET A 290 -7.50 -21.14 -25.03
CA MET A 290 -6.50 -22.11 -25.45
C MET A 290 -7.14 -23.43 -25.87
N ILE A 291 -8.04 -23.97 -25.04
CA ILE A 291 -8.66 -25.24 -25.39
C ILE A 291 -9.54 -25.10 -26.63
N PHE A 292 -10.22 -23.96 -26.81
CA PHE A 292 -11.07 -23.82 -27.97
C PHE A 292 -10.25 -23.67 -29.25
N GLN A 293 -9.16 -22.90 -29.19
CA GLN A 293 -8.31 -22.79 -30.38
C GLN A 293 -7.63 -24.12 -30.69
N LEU A 294 -7.27 -24.89 -29.66
CA LEU A 294 -6.69 -26.21 -29.91
C LEU A 294 -7.70 -27.15 -30.55
N GLY A 295 -8.94 -27.16 -30.05
CA GLY A 295 -9.95 -28.01 -30.64
C GLY A 295 -10.27 -27.62 -32.07
N GLU A 296 -10.39 -26.32 -32.35
CA GLU A 296 -10.68 -25.88 -33.70
C GLU A 296 -9.51 -26.16 -34.63
N GLY A 297 -8.28 -26.02 -34.15
CA GLY A 297 -7.13 -26.39 -34.96
C GLY A 297 -7.12 -27.86 -35.30
N LEU A 298 -7.42 -28.71 -34.32
CA LEU A 298 -7.49 -30.15 -34.59
C LEU A 298 -8.60 -30.47 -35.59
N LEU A 299 -9.74 -29.81 -35.46
CA LEU A 299 -10.83 -30.02 -36.40
C LEU A 299 -10.43 -29.61 -37.82
N LEU A 300 -9.74 -28.47 -37.94
CA LEU A 300 -9.25 -28.04 -39.25
C LEU A 300 -8.22 -29.01 -39.80
N ILE A 301 -7.38 -29.57 -38.92
CA ILE A 301 -6.42 -30.59 -39.37
C ILE A 301 -7.15 -31.78 -39.96
N ALA A 302 -8.18 -32.27 -39.26
CA ALA A 302 -8.94 -33.40 -39.74
C ALA A 302 -9.63 -33.08 -41.06
N ILE A 303 -10.20 -31.89 -41.18
CA ILE A 303 -10.88 -31.50 -42.41
C ILE A 303 -9.88 -31.44 -43.57
N PHE A 304 -8.70 -30.87 -43.33
CA PHE A 304 -7.70 -30.79 -44.38
C PHE A 304 -7.23 -32.16 -44.83
N TRP A 305 -7.02 -33.08 -43.88
CA TRP A 305 -6.57 -34.41 -44.26
C TRP A 305 -7.67 -35.17 -44.99
N CYS A 306 -8.93 -34.98 -44.58
CA CYS A 306 -10.03 -35.59 -45.32
C CYS A 306 -10.13 -35.04 -46.74
N TYR A 307 -9.92 -33.74 -46.90
CA TYR A 307 -9.94 -33.15 -48.24
C TYR A 307 -8.79 -33.69 -49.08
N GLU A 308 -7.62 -33.89 -48.46
CA GLU A 308 -6.50 -34.48 -49.18
C GLU A 308 -6.82 -35.91 -49.62
N LYS A 309 -7.45 -36.69 -48.75
CA LYS A 309 -7.89 -38.02 -49.13
C LYS A 309 -8.89 -37.95 -50.28
N PHE A 310 -9.77 -36.96 -50.25
CA PHE A 310 -10.71 -36.75 -51.36
C PHE A 310 -9.97 -36.50 -52.66
N LYS A 311 -8.89 -35.70 -52.60
CA LYS A 311 -8.10 -35.45 -53.79
C LYS A 311 -7.41 -36.72 -54.31
N THR A 312 -7.13 -37.68 -53.44
CA THR A 312 -6.46 -38.91 -53.85
C THR A 312 -7.45 -40.09 -53.87
N GLY B 1 7.86 -1.08 -17.41
CA GLY B 1 6.56 -1.16 -16.77
C GLY B 1 6.60 -1.91 -15.45
N THR B 2 5.42 -2.21 -14.90
CA THR B 2 5.31 -2.92 -13.64
C THR B 2 5.10 -4.42 -13.81
N ASN B 3 5.16 -4.93 -15.04
CA ASN B 3 5.03 -6.36 -15.31
C ASN B 3 6.38 -6.90 -15.70
N LEU B 4 6.96 -7.73 -14.84
CA LEU B 4 8.28 -8.31 -15.06
C LEU B 4 8.19 -9.83 -15.25
N SER B 5 7.16 -10.29 -15.95
CA SER B 5 6.96 -11.70 -16.21
C SER B 5 7.45 -12.06 -17.60
N VAL B 6 8.14 -13.18 -17.71
CA VAL B 6 8.61 -13.69 -18.99
C VAL B 6 7.53 -14.61 -19.56
N PRO B 7 6.70 -14.15 -20.48
CA PRO B 7 5.55 -14.96 -20.91
C PRO B 7 5.98 -16.23 -21.61
N ASN B 8 5.16 -17.26 -21.45
CA ASN B 8 5.36 -18.54 -22.11
C ASN B 8 4.36 -18.67 -23.25
N PRO B 9 4.80 -18.85 -24.50
CA PRO B 9 3.83 -18.96 -25.60
C PRO B 9 2.79 -20.03 -25.39
N LEU B 10 3.16 -21.15 -24.78
CA LEU B 10 2.20 -22.16 -24.33
C LEU B 10 1.95 -21.91 -22.85
N GLY B 11 0.80 -21.34 -22.52
CA GLY B 11 0.47 -21.03 -21.15
C GLY B 11 -0.88 -20.40 -20.99
N PHE B 12 -1.56 -20.68 -19.87
CA PHE B 12 -2.89 -20.17 -19.62
C PHE B 12 -3.09 -19.63 -18.21
N PHE B 13 -2.07 -19.70 -17.36
CA PHE B 13 -2.12 -19.21 -15.99
C PHE B 13 -0.98 -18.22 -15.78
N PRO B 14 -1.12 -17.31 -14.81
CA PRO B 14 -0.07 -16.29 -14.61
C PRO B 14 1.28 -16.86 -14.21
N ASP B 15 1.34 -18.09 -13.70
CA ASP B 15 2.60 -18.67 -13.26
C ASP B 15 3.34 -19.44 -14.35
N HIS B 16 2.78 -19.52 -15.55
CA HIS B 16 3.44 -20.22 -16.66
C HIS B 16 4.40 -19.26 -17.34
N GLN B 17 5.65 -19.28 -16.89
CA GLN B 17 6.67 -18.37 -17.38
C GLN B 17 7.97 -19.12 -17.65
N LEU B 18 8.76 -18.59 -18.57
CA LEU B 18 10.05 -19.15 -18.94
C LEU B 18 11.17 -18.52 -18.11
N ASP B 19 11.14 -18.81 -16.82
CA ASP B 19 12.11 -18.29 -15.87
C ASP B 19 12.75 -19.45 -15.11
N PRO B 20 14.08 -19.49 -14.99
CA PRO B 20 14.76 -20.71 -14.54
C PRO B 20 14.36 -21.19 -13.15
N ALA B 21 14.47 -20.33 -12.14
CA ALA B 21 14.08 -20.67 -10.78
C ALA B 21 12.64 -20.24 -10.58
N PHE B 22 11.72 -21.22 -10.54
CA PHE B 22 10.29 -20.95 -10.70
C PHE B 22 9.79 -20.25 -9.44
N LYS B 23 10.05 -18.94 -9.36
CA LYS B 23 9.57 -18.16 -8.23
C LYS B 23 8.07 -17.88 -8.35
N ALA B 24 7.54 -17.86 -9.57
CA ALA B 24 6.12 -17.58 -9.76
C ALA B 24 5.22 -18.60 -9.08
N ASN B 25 5.70 -19.82 -8.89
CA ASN B 25 4.96 -20.86 -8.19
C ASN B 25 5.34 -20.97 -6.72
N SER B 26 6.24 -20.12 -6.24
CA SER B 26 6.67 -20.16 -4.85
C SER B 26 5.68 -19.39 -3.99
N GLU B 27 6.02 -19.21 -2.71
CA GLU B 27 5.14 -18.49 -1.80
C GLU B 27 5.14 -16.99 -2.07
N ASN B 28 6.21 -16.47 -2.66
CA ASN B 28 6.39 -15.03 -2.86
C ASN B 28 6.80 -14.74 -4.29
N PRO B 29 5.86 -14.83 -5.24
CA PRO B 29 6.17 -14.41 -6.61
C PRO B 29 6.41 -12.90 -6.68
N ASP B 30 7.30 -12.50 -7.59
CA ASP B 30 7.69 -11.11 -7.70
C ASP B 30 7.76 -10.69 -9.16
N TRP B 31 6.83 -11.16 -9.97
CA TRP B 31 6.79 -10.78 -11.37
C TRP B 31 5.88 -9.59 -11.65
N ASP B 32 5.15 -9.10 -10.64
CA ASP B 32 4.30 -7.93 -10.80
C ASP B 32 4.59 -6.95 -9.67
N LEU B 33 4.61 -5.66 -10.00
CA LEU B 33 4.99 -4.61 -9.07
C LEU B 33 3.99 -3.47 -9.09
N ASN B 34 2.69 -3.80 -9.03
CA ASN B 34 1.63 -2.81 -9.04
C ASN B 34 0.77 -2.98 -7.79
N PRO B 35 1.09 -2.27 -6.71
CA PRO B 35 0.23 -2.34 -5.51
C PRO B 35 -1.01 -1.49 -5.62
N HIS B 36 -1.04 -0.52 -6.53
CA HIS B 36 -2.19 0.38 -6.67
C HIS B 36 -3.19 -0.17 -7.68
N LYS B 37 -3.67 -1.38 -7.40
CA LYS B 37 -4.62 -2.03 -8.28
C LYS B 37 -5.95 -1.30 -8.27
N ASP B 38 -6.56 -1.19 -9.44
CA ASP B 38 -7.81 -0.46 -9.59
C ASP B 38 -8.98 -1.36 -9.20
N ASN B 39 -9.78 -0.91 -8.23
CA ASN B 39 -10.95 -1.69 -7.82
C ASN B 39 -12.04 -1.65 -8.88
N TRP B 40 -12.07 -0.61 -9.72
CA TRP B 40 -12.98 -0.51 -10.86
C TRP B 40 -14.42 -0.75 -10.45
N PRO B 41 -15.07 0.21 -9.80
CA PRO B 41 -16.43 -0.02 -9.30
C PRO B 41 -17.44 -0.41 -10.36
N ASP B 42 -17.32 0.12 -11.58
CA ASP B 42 -18.23 -0.22 -12.67
C ASP B 42 -17.72 -1.37 -13.53
N ALA B 43 -16.93 -2.27 -12.97
CA ALA B 43 -16.49 -3.45 -13.72
C ALA B 43 -17.66 -4.33 -14.11
N ASN B 44 -18.60 -4.54 -13.18
CA ASN B 44 -19.74 -5.40 -13.42
C ASN B 44 -20.91 -4.59 -13.99
N LYS B 45 -20.65 -3.96 -15.13
CA LYS B 45 -21.64 -3.13 -15.80
C LYS B 45 -21.55 -3.34 -17.30
N VAL B 46 -22.65 -3.08 -17.98
CA VAL B 46 -22.75 -3.25 -19.43
C VAL B 46 -22.97 -1.86 -20.02
N GLY B 47 -21.88 -1.22 -20.44
CA GLY B 47 -21.95 0.11 -21.02
C GLY B 47 -22.45 1.17 -20.05
N GLU C 1 19.88 -6.74 8.25
CA GLU C 1 18.68 -6.10 8.77
C GLU C 1 18.34 -4.84 7.97
N VAL C 2 17.13 -4.83 7.39
CA VAL C 2 16.70 -3.67 6.62
C VAL C 2 16.37 -2.52 7.56
N GLN C 3 16.90 -1.34 7.27
CA GLN C 3 16.73 -0.18 8.12
C GLN C 3 16.47 1.05 7.27
N LEU C 4 15.57 1.90 7.74
CA LEU C 4 15.28 3.19 7.11
C LEU C 4 15.72 4.31 8.04
N GLN C 5 16.56 5.21 7.54
CA GLN C 5 17.07 6.32 8.32
C GLN C 5 16.53 7.62 7.76
N GLU C 6 15.90 8.43 8.62
CA GLU C 6 15.34 9.70 8.21
C GLU C 6 16.36 10.82 8.42
N SER C 7 16.08 11.98 7.83
CA SER C 7 17.03 13.08 7.85
C SER C 7 17.12 13.71 9.24
N GLY C 8 16.03 14.26 9.72
CA GLY C 8 16.03 14.93 11.01
C GLY C 8 14.99 16.02 11.05
N ALA C 9 14.82 16.60 12.24
CA ALA C 9 13.81 17.62 12.45
C ALA C 9 14.11 18.85 11.61
N GLU C 10 13.04 19.51 11.17
CA GLU C 10 13.14 20.71 10.34
C GLU C 10 12.21 21.79 10.88
N LEU C 11 12.64 23.03 10.78
CA LEU C 11 11.84 24.20 11.16
C LEU C 11 11.90 25.20 10.01
N VAL C 12 10.76 25.45 9.39
CA VAL C 12 10.70 26.24 8.17
C VAL C 12 9.54 27.22 8.24
N ARG C 13 9.77 28.44 7.79
CA ARG C 13 8.72 29.44 7.72
C ARG C 13 7.71 29.07 6.65
N PRO C 14 6.46 29.50 6.80
CA PRO C 14 5.44 29.16 5.79
C PRO C 14 5.76 29.77 4.45
N GLY C 15 5.35 29.06 3.39
CA GLY C 15 5.54 29.52 2.04
C GLY C 15 6.80 29.02 1.35
N THR C 16 7.72 28.43 2.11
CA THR C 16 8.97 27.93 1.56
C THR C 16 8.95 26.41 1.49
N SER C 17 9.71 25.85 0.55
CA SER C 17 9.76 24.41 0.36
C SER C 17 10.72 23.77 1.34
N VAL C 18 10.58 22.46 1.51
CA VAL C 18 11.47 21.66 2.35
C VAL C 18 11.50 20.24 1.79
N LYS C 19 12.66 19.61 1.89
CA LYS C 19 12.81 18.24 1.43
C LYS C 19 13.48 17.40 2.50
N MET C 20 13.06 16.15 2.62
CA MET C 20 13.58 15.22 3.61
C MET C 20 14.00 13.93 2.92
N SER C 21 14.95 13.24 3.53
CA SER C 21 15.56 12.06 2.93
C SER C 21 15.30 10.83 3.78
N CYS C 22 15.22 9.68 3.12
CA CYS C 22 15.01 8.38 3.75
C CYS C 22 16.09 7.44 3.21
N LYS C 23 17.24 7.41 3.87
CA LYS C 23 18.33 6.56 3.44
C LYS C 23 18.04 5.11 3.81
N ALA C 24 18.14 4.21 2.83
CA ALA C 24 17.78 2.81 3.00
C ALA C 24 19.04 1.97 3.04
N ALA C 25 19.10 1.04 3.98
CA ALA C 25 20.24 0.14 4.13
C ALA C 25 19.74 -1.25 4.47
N GLY C 26 20.60 -2.24 4.22
CA GLY C 26 20.28 -3.62 4.50
C GLY C 26 19.61 -4.37 3.37
N TYR C 27 19.33 -3.73 2.25
CA TYR C 27 18.72 -4.39 1.11
C TYR C 27 19.02 -3.59 -0.15
N THR C 28 18.51 -4.05 -1.29
CA THR C 28 18.89 -3.50 -2.57
C THR C 28 18.36 -2.08 -2.77
N PHE C 29 17.15 -1.81 -2.29
CA PHE C 29 16.47 -0.51 -2.37
C PHE C 29 15.99 -0.23 -3.78
N THR C 30 16.37 -1.05 -4.75
CA THR C 30 16.03 -0.78 -6.14
C THR C 30 14.78 -1.53 -6.60
N ASN C 31 14.35 -2.56 -5.88
CA ASN C 31 13.23 -3.39 -6.30
C ASN C 31 12.19 -3.49 -5.19
N TYR C 32 11.99 -2.41 -4.45
CA TYR C 32 10.98 -2.38 -3.40
C TYR C 32 10.37 -0.98 -3.32
N TRP C 33 9.06 -0.92 -3.21
CA TRP C 33 8.36 0.36 -3.12
C TRP C 33 8.67 1.05 -1.79
N ILE C 34 8.49 2.36 -1.78
CA ILE C 34 8.64 3.16 -0.58
C ILE C 34 7.43 4.08 -0.46
N GLY C 35 6.77 4.03 0.69
CA GLY C 35 5.58 4.83 0.94
C GLY C 35 5.85 5.87 2.02
N TRP C 36 5.21 7.03 1.88
CA TRP C 36 5.38 8.12 2.82
C TRP C 36 4.07 8.35 3.57
N VAL C 37 4.13 8.36 4.89
CA VAL C 37 2.96 8.49 5.75
C VAL C 37 3.13 9.72 6.63
N LYS C 38 2.12 10.57 6.67
CA LYS C 38 2.10 11.75 7.52
C LYS C 38 1.16 11.51 8.69
N GLN C 39 1.65 11.76 9.90
CA GLN C 39 0.86 11.57 11.12
C GLN C 39 0.87 12.84 11.94
N ARG C 40 -0.30 13.36 12.25
CA ARG C 40 -0.38 14.46 13.19
C ARG C 40 -0.50 13.93 14.61
N PRO C 41 0.03 14.67 15.60
CA PRO C 41 -0.08 14.20 16.99
C PRO C 41 -1.51 14.00 17.46
N GLY C 42 -2.42 14.87 17.03
CA GLY C 42 -3.80 14.81 17.46
C GLY C 42 -4.78 14.24 16.46
N HIS C 43 -4.30 13.64 15.38
CA HIS C 43 -5.17 13.08 14.34
C HIS C 43 -4.64 11.71 13.93
N GLY C 44 -5.33 11.08 13.00
CA GLY C 44 -4.93 9.79 12.50
C GLY C 44 -3.83 9.89 11.47
N LEU C 45 -3.47 8.73 10.93
CA LEU C 45 -2.45 8.64 9.89
C LEU C 45 -3.07 8.85 8.52
N GLU C 46 -2.24 9.26 7.57
CA GLU C 46 -2.68 9.37 6.18
C GLU C 46 -1.53 9.07 5.25
N TRP C 47 -1.87 8.65 4.04
CA TRP C 47 -0.91 8.15 3.07
C TRP C 47 -0.63 9.25 2.05
N ILE C 48 0.64 9.62 1.90
CA ILE C 48 0.99 10.70 0.99
C ILE C 48 1.18 10.18 -0.42
N GLY C 49 2.13 9.28 -0.61
CA GLY C 49 2.40 8.77 -1.95
C GLY C 49 3.44 7.68 -1.89
N ASP C 50 3.65 7.06 -3.05
CA ASP C 50 4.53 5.90 -3.19
C ASP C 50 5.52 6.15 -4.32
N ILE C 51 6.70 5.56 -4.22
CA ILE C 51 7.73 5.69 -5.24
C ILE C 51 8.42 4.36 -5.41
N TYR C 52 8.69 3.99 -6.66
CA TYR C 52 9.49 2.82 -6.97
C TYR C 52 10.88 3.27 -7.40
N PRO C 53 11.91 3.10 -6.57
CA PRO C 53 13.23 3.64 -6.92
C PRO C 53 13.82 3.04 -8.19
N GLY C 54 13.42 1.84 -8.57
CA GLY C 54 14.00 1.22 -9.76
C GLY C 54 13.68 1.97 -11.04
N GLY C 55 12.42 2.35 -11.21
CA GLY C 55 12.02 3.00 -12.44
C GLY C 55 11.45 4.39 -12.23
N GLY C 56 11.35 4.83 -10.98
CA GLY C 56 10.81 6.13 -10.68
C GLY C 56 9.31 6.24 -10.79
N TYR C 57 8.60 5.12 -10.93
CA TYR C 57 7.14 5.16 -10.98
C TYR C 57 6.58 5.60 -9.64
N THR C 58 5.70 6.59 -9.66
CA THR C 58 5.14 7.15 -8.44
C THR C 58 3.63 7.24 -8.55
N ASN C 59 2.97 7.05 -7.40
CA ASN C 59 1.54 7.27 -7.27
C ASN C 59 1.29 8.18 -6.08
N TYR C 60 0.37 9.12 -6.25
CA TYR C 60 0.13 10.16 -5.25
C TYR C 60 -1.31 10.11 -4.78
N ASN C 61 -1.51 10.43 -3.50
CA ASN C 61 -2.84 10.70 -3.00
C ASN C 61 -3.40 11.96 -3.66
N GLU C 62 -4.71 11.96 -3.91
CA GLU C 62 -5.31 13.10 -4.60
C GLU C 62 -5.17 14.37 -3.80
N LYS C 63 -5.32 14.28 -2.47
CA LYS C 63 -5.17 15.46 -1.62
C LYS C 63 -3.75 16.00 -1.67
N PHE C 64 -2.76 15.11 -1.65
CA PHE C 64 -1.36 15.50 -1.63
C PHE C 64 -0.74 15.58 -3.01
N LYS C 65 -1.56 15.46 -4.08
CA LYS C 65 -1.00 15.46 -5.43
C LYS C 65 -0.30 16.77 -5.74
N GLY C 66 -0.89 17.89 -5.35
CA GLY C 66 -0.32 19.18 -5.71
C GLY C 66 0.99 19.49 -5.01
N LYS C 67 1.10 19.14 -3.72
CA LYS C 67 2.18 19.65 -2.89
C LYS C 67 3.14 18.57 -2.40
N ALA C 68 3.20 17.43 -3.08
CA ALA C 68 4.16 16.37 -2.73
C ALA C 68 4.89 15.92 -3.98
N THR C 69 6.22 15.89 -3.91
CA THR C 69 7.06 15.43 -5.01
C THR C 69 8.04 14.41 -4.47
N LEU C 70 8.10 13.24 -5.11
CA LEU C 70 8.94 12.15 -4.67
C LEU C 70 10.06 11.90 -5.67
N THR C 71 11.28 11.69 -5.15
CA THR C 71 12.45 11.45 -5.97
C THR C 71 13.22 10.26 -5.40
N ALA C 72 13.89 9.52 -6.28
CA ALA C 72 14.56 8.29 -5.91
C ALA C 72 16.04 8.47 -5.57
N ASP C 73 16.83 8.94 -6.54
CA ASP C 73 18.28 9.05 -6.40
C ASP C 73 18.84 7.69 -5.96
N THR C 74 18.76 6.75 -6.90
CA THR C 74 19.16 5.38 -6.62
C THR C 74 20.66 5.24 -6.40
N SER C 75 21.47 6.19 -6.87
CA SER C 75 22.91 6.08 -6.68
C SER C 75 23.29 6.12 -5.21
N SER C 76 22.68 7.03 -4.45
CA SER C 76 22.93 7.12 -3.01
C SER C 76 21.93 6.34 -2.18
N SER C 77 20.89 5.78 -2.80
CA SER C 77 19.87 4.98 -2.12
C SER C 77 19.20 5.77 -0.99
N THR C 78 18.83 7.01 -1.29
CA THR C 78 18.11 7.87 -0.35
C THR C 78 16.91 8.46 -1.07
N ALA C 79 15.71 8.03 -0.69
CA ALA C 79 14.50 8.59 -1.27
C ALA C 79 14.22 9.97 -0.69
N TYR C 80 13.56 10.81 -1.48
CA TYR C 80 13.29 12.20 -1.10
C TYR C 80 11.80 12.51 -1.25
N MET C 81 11.32 13.43 -0.42
CA MET C 81 10.02 14.05 -0.61
C MET C 81 10.18 15.56 -0.58
N GLN C 82 9.47 16.24 -1.47
CA GLN C 82 9.46 17.70 -1.51
C GLN C 82 8.06 18.19 -1.17
N LEU C 83 7.97 19.11 -0.21
CA LEU C 83 6.68 19.57 0.28
C LEU C 83 6.15 20.78 -0.48
N SER C 84 6.94 21.39 -1.35
CA SER C 84 6.51 22.51 -2.22
C SER C 84 6.00 23.63 -1.30
N SER C 85 4.91 24.30 -1.66
CA SER C 85 4.36 25.36 -0.82
C SER C 85 3.92 24.80 0.52
N LEU C 86 4.20 25.55 1.58
CA LEU C 86 3.96 25.10 2.95
C LEU C 86 2.97 26.02 3.64
N THR C 87 2.10 25.42 4.46
CA THR C 87 1.16 26.15 5.28
C THR C 87 1.20 25.57 6.70
N SER C 88 0.55 26.28 7.62
CA SER C 88 0.54 25.83 9.01
C SER C 88 -0.24 24.53 9.20
N GLU C 89 -1.08 24.17 8.23
CA GLU C 89 -1.84 22.93 8.35
C GLU C 89 -0.93 21.71 8.34
N ASP C 90 0.07 21.69 7.47
CA ASP C 90 0.88 20.50 7.24
C ASP C 90 2.13 20.42 8.13
N SER C 91 1.95 20.68 9.41
CA SER C 91 3.00 20.51 10.41
C SER C 91 2.70 19.22 11.17
N ALA C 92 3.49 18.18 10.92
CA ALA C 92 3.21 16.88 11.49
C ALA C 92 4.51 16.07 11.50
N LEU C 93 4.38 14.76 11.75
CA LEU C 93 5.49 13.83 11.74
C LEU C 93 5.42 12.99 10.48
N TYR C 94 6.51 12.95 9.73
CA TYR C 94 6.55 12.30 8.42
C TYR C 94 7.35 11.01 8.50
N TYR C 95 6.79 9.93 8.00
CA TYR C 95 7.40 8.61 8.05
C TYR C 95 7.71 8.11 6.64
N CYS C 96 8.86 7.47 6.49
CA CYS C 96 9.20 6.72 5.28
C CYS C 96 9.09 5.24 5.60
N ALA C 97 8.38 4.50 4.75
CA ALA C 97 8.13 3.09 4.99
C ALA C 97 8.31 2.31 3.71
N ARG C 98 8.69 1.03 3.86
CA ARG C 98 8.96 0.16 2.73
C ARG C 98 7.96 -1.00 2.74
N MET C 99 7.52 -1.40 1.54
CA MET C 99 6.65 -2.55 1.43
C MET C 99 7.42 -3.84 1.64
N LYS C 100 6.72 -4.96 1.44
CA LYS C 100 7.31 -6.28 1.57
C LYS C 100 7.14 -7.16 0.34
N ILE C 101 6.13 -6.89 -0.50
CA ILE C 101 5.82 -7.78 -1.61
C ILE C 101 5.92 -7.06 -2.95
N ASN C 102 5.74 -5.74 -2.93
CA ASN C 102 5.55 -4.87 -4.10
C ASN C 102 4.23 -5.16 -4.80
N ASN C 103 3.44 -6.11 -4.32
CA ASN C 103 2.12 -6.40 -4.84
C ASN C 103 1.01 -5.96 -3.90
N GLN C 104 1.26 -5.96 -2.60
CA GLN C 104 0.32 -5.49 -1.59
C GLN C 104 0.87 -4.23 -0.95
N ALA C 105 -0.02 -3.48 -0.30
CA ALA C 105 0.30 -2.14 0.20
C ALA C 105 0.37 -2.08 1.72
N TRP C 106 0.79 -3.16 2.38
CA TRP C 106 1.04 -3.11 3.82
C TRP C 106 2.53 -2.94 4.06
N PHE C 107 2.91 -1.91 4.79
CA PHE C 107 4.29 -1.58 5.03
C PHE C 107 4.82 -2.35 6.24
N ALA C 108 6.07 -2.78 6.15
CA ALA C 108 6.68 -3.63 7.17
C ALA C 108 7.79 -2.94 7.95
N TYR C 109 8.59 -2.10 7.30
CA TYR C 109 9.72 -1.45 7.94
C TYR C 109 9.54 0.06 7.85
N TRP C 110 9.63 0.73 8.99
CA TRP C 110 9.37 2.16 9.09
C TRP C 110 10.63 2.90 9.54
N GLY C 111 10.73 4.15 9.10
CA GLY C 111 11.80 5.02 9.56
C GLY C 111 11.52 5.58 10.93
N GLN C 112 12.49 6.33 11.45
CA GLN C 112 12.34 6.93 12.77
C GLN C 112 11.38 8.11 12.76
N GLY C 113 11.14 8.72 11.60
CA GLY C 113 10.22 9.83 11.51
C GLY C 113 10.91 11.18 11.47
N THR C 114 10.35 12.10 10.68
CA THR C 114 10.89 13.45 10.54
C THR C 114 9.83 14.45 10.97
N LEU C 115 10.18 15.33 11.89
CA LEU C 115 9.25 16.31 12.45
C LEU C 115 9.43 17.63 11.72
N VAL C 116 8.34 18.13 11.13
CA VAL C 116 8.34 19.37 10.37
C VAL C 116 7.38 20.33 11.05
N THR C 117 7.89 21.51 11.43
CA THR C 117 7.10 22.56 12.06
C THR C 117 7.07 23.76 11.13
N VAL C 118 5.86 24.21 10.80
CA VAL C 118 5.66 25.34 9.89
C VAL C 118 5.06 26.48 10.69
N SER C 119 5.80 27.57 10.80
CA SER C 119 5.36 28.74 11.57
C SER C 119 6.33 29.88 11.31
N ALA C 120 5.82 31.10 11.36
CA ALA C 120 6.60 32.29 11.06
C ALA C 120 7.17 32.97 12.30
N ALA C 121 6.86 32.45 13.49
CA ALA C 121 7.33 33.10 14.72
C ALA C 121 8.85 32.95 14.87
N LYS C 122 9.50 34.03 15.26
CA LYS C 122 10.94 34.02 15.49
C LYS C 122 11.24 33.49 16.88
N THR C 123 12.48 33.03 17.06
CA THR C 123 12.89 32.49 18.35
C THR C 123 12.80 33.55 19.43
N THR C 124 12.26 33.16 20.59
CA THR C 124 12.03 34.08 21.69
C THR C 124 12.36 33.36 23.01
N PRO C 125 13.16 33.97 23.87
CA PRO C 125 13.43 33.37 25.17
C PRO C 125 12.16 33.26 26.00
N PRO C 126 12.03 32.20 26.79
CA PRO C 126 10.82 32.07 27.62
C PRO C 126 10.85 33.00 28.81
N SER C 127 9.66 33.37 29.27
CA SER C 127 9.48 34.17 30.48
C SER C 127 8.91 33.27 31.57
N VAL C 128 9.56 33.24 32.72
CA VAL C 128 9.24 32.31 33.80
C VAL C 128 8.58 33.07 34.93
N TYR C 129 7.40 32.60 35.34
CA TYR C 129 6.63 33.24 36.41
C TYR C 129 6.36 32.21 37.49
N PRO C 130 6.78 32.45 38.73
CA PRO C 130 6.55 31.46 39.79
C PRO C 130 5.09 31.39 40.18
N LEU C 131 4.69 30.21 40.67
CA LEU C 131 3.35 29.99 41.16
C LEU C 131 3.42 29.61 42.64
N ALA C 132 2.66 30.32 43.47
CA ALA C 132 2.66 30.10 44.90
C ALA C 132 1.23 29.95 45.38
N PRO C 133 1.01 29.17 46.44
CA PRO C 133 -0.36 29.01 46.96
C PRO C 133 -0.92 30.33 47.46
N GLY C 134 -2.24 30.43 47.40
CA GLY C 134 -2.93 31.66 47.75
C GLY C 134 -2.75 32.09 49.19
N SER C 135 -3.44 33.17 49.57
CA SER C 135 -3.27 33.75 50.90
C SER C 135 -3.69 32.79 52.01
N ALA C 136 -4.45 31.74 51.69
CA ALA C 136 -4.85 30.78 52.71
C ALA C 136 -3.63 30.12 53.36
N ALA C 137 -2.69 29.67 52.54
CA ALA C 137 -1.44 29.08 53.01
C ALA C 137 -1.70 27.94 54.01
N GLN C 138 -2.72 27.15 53.73
CA GLN C 138 -3.07 26.05 54.61
C GLN C 138 -1.98 24.98 54.58
N THR C 139 -1.56 24.54 55.76
CA THR C 139 -0.50 23.54 55.82
C THR C 139 -0.99 22.18 55.34
N ASN C 140 -2.16 21.75 55.81
CA ASN C 140 -2.71 20.44 55.48
C ASN C 140 -1.68 19.35 55.75
N SER C 141 -1.51 18.44 54.78
CA SER C 141 -0.49 17.40 54.88
C SER C 141 0.50 17.42 53.73
N MET C 142 0.15 17.99 52.58
CA MET C 142 1.01 17.97 51.41
C MET C 142 0.73 19.23 50.59
N VAL C 143 1.80 19.88 50.15
CA VAL C 143 1.71 21.19 49.50
C VAL C 143 2.19 21.07 48.06
N THR C 144 1.49 21.73 47.14
CA THR C 144 1.84 21.74 45.74
C THR C 144 2.19 23.15 45.29
N LEU C 145 3.20 23.25 44.43
CA LEU C 145 3.65 24.52 43.85
C LEU C 145 3.65 24.39 42.33
N GLY C 146 4.13 25.43 41.66
CA GLY C 146 4.13 25.42 40.22
C GLY C 146 5.09 26.45 39.64
N CYS C 147 5.38 26.28 38.35
CA CYS C 147 6.27 27.16 37.61
C CYS C 147 5.72 27.32 36.21
N LEU C 148 5.29 28.53 35.86
CA LEU C 148 4.66 28.80 34.57
C LEU C 148 5.66 29.49 33.65
N VAL C 149 5.85 28.94 32.46
CA VAL C 149 6.72 29.52 31.45
C VAL C 149 5.90 29.74 30.19
N LYS C 150 6.17 30.85 29.50
CA LYS C 150 5.39 31.21 28.33
C LYS C 150 6.20 32.14 27.44
N GLY C 151 5.80 32.21 26.17
CA GLY C 151 6.42 33.11 25.23
C GLY C 151 7.64 32.59 24.50
N TYR C 152 7.88 31.29 24.52
CA TYR C 152 9.02 30.68 23.84
C TYR C 152 8.55 29.97 22.58
N PHE C 153 9.26 30.19 21.47
CA PHE C 153 8.82 29.63 20.21
C PHE C 153 9.17 28.15 20.02
N PRO C 154 10.44 27.73 20.11
CA PRO C 154 10.78 26.33 19.82
C PRO C 154 10.39 25.44 20.99
N GLU C 155 10.69 24.13 20.87
CA GLU C 155 10.33 23.16 21.91
C GLU C 155 11.52 22.31 22.36
N PRO C 156 12.57 22.93 22.89
CA PRO C 156 13.56 22.17 23.69
C PRO C 156 13.40 22.33 25.20
N VAL C 157 12.33 22.99 25.66
CA VAL C 157 12.26 23.43 27.05
C VAL C 157 12.15 22.24 27.99
N THR C 158 13.04 22.19 28.98
CA THR C 158 13.01 21.18 30.02
C THR C 158 12.98 21.87 31.36
N VAL C 159 12.06 21.45 32.23
CA VAL C 159 11.87 22.05 33.55
C VAL C 159 12.23 21.03 34.61
N THR C 160 13.09 21.42 35.54
CA THR C 160 13.49 20.58 36.65
C THR C 160 13.45 21.41 37.94
N TRP C 161 13.28 20.72 39.05
CA TRP C 161 13.15 21.36 40.36
C TRP C 161 14.36 21.01 41.21
N ASN C 162 15.08 22.05 41.67
CA ASN C 162 16.29 21.87 42.47
C ASN C 162 17.30 20.97 41.76
N SER C 163 17.28 21.02 40.42
CA SER C 163 18.11 20.16 39.59
C SER C 163 17.89 18.69 39.93
N GLY C 164 18.84 18.11 40.66
CA GLY C 164 18.75 16.69 40.97
C GLY C 164 17.60 16.34 41.90
N SER C 165 17.33 17.21 42.87
CA SER C 165 16.36 16.91 43.91
C SER C 165 14.95 16.84 43.32
N LEU C 166 13.98 16.54 44.18
CA LEU C 166 12.59 16.31 43.79
C LEU C 166 12.51 15.24 42.69
N SER C 167 11.93 15.61 41.55
CA SER C 167 11.75 14.71 40.42
C SER C 167 10.98 13.45 40.79
N SER C 168 10.18 13.50 41.85
CA SER C 168 9.38 12.37 42.28
C SER C 168 7.89 12.60 42.05
N GLY C 169 7.35 13.70 42.56
CA GLY C 169 5.96 14.06 42.36
C GLY C 169 5.74 15.16 41.34
N VAL C 170 6.74 15.50 40.54
CA VAL C 170 6.60 16.62 39.61
C VAL C 170 5.78 16.19 38.40
N HIS C 171 5.18 17.19 37.74
CA HIS C 171 4.41 16.98 36.52
C HIS C 171 4.70 18.10 35.56
N THR C 172 4.93 17.76 34.30
CA THR C 172 5.13 18.74 33.24
C THR C 172 4.04 18.56 32.20
N PHE C 173 3.37 19.62 31.88
CA PHE C 173 2.26 19.48 30.95
C PHE C 173 2.70 19.83 29.53
N PRO C 174 2.09 19.20 28.53
CA PRO C 174 2.51 19.46 27.15
C PRO C 174 2.32 20.92 26.76
N ALA C 175 3.26 21.42 25.96
CA ALA C 175 3.19 22.81 25.51
C ALA C 175 2.03 23.00 24.54
N VAL C 176 1.34 24.13 24.68
CA VAL C 176 0.23 24.48 23.80
C VAL C 176 0.48 25.90 23.28
N LEU C 177 0.34 26.07 21.98
CA LEU C 177 0.53 27.39 21.36
C LEU C 177 -0.76 28.20 21.47
N GLN C 178 -0.60 29.48 21.79
CA GLN C 178 -1.74 30.38 21.96
C GLN C 178 -1.73 31.53 20.96
N SER C 179 -0.63 32.25 20.86
CA SER C 179 -0.48 33.39 19.96
C SER C 179 0.79 33.25 19.13
N ASP C 180 0.95 32.07 18.53
CA ASP C 180 2.15 31.63 17.81
C ASP C 180 3.32 31.39 18.75
N LEU C 181 3.10 31.46 20.06
CA LEU C 181 4.12 31.16 21.05
C LEU C 181 3.58 30.10 22.00
N TYR C 182 4.49 29.28 22.51
CA TYR C 182 4.13 28.11 23.29
C TYR C 182 4.23 28.41 24.79
N THR C 183 3.30 27.86 25.56
CA THR C 183 3.27 28.01 27.01
C THR C 183 3.10 26.64 27.65
N LEU C 184 3.88 26.37 28.69
CA LEU C 184 3.70 25.16 29.49
C LEU C 184 3.86 25.54 30.96
N SER C 185 3.28 24.70 31.82
CA SER C 185 3.39 24.87 33.25
C SER C 185 3.83 23.56 33.89
N SER C 186 4.70 23.66 34.88
CA SER C 186 5.20 22.50 35.61
C SER C 186 4.84 22.65 37.08
N SER C 187 4.33 21.56 37.67
CA SER C 187 3.91 21.57 39.06
C SER C 187 4.71 20.55 39.85
N VAL C 188 5.04 20.89 41.09
CA VAL C 188 5.73 20.00 42.02
C VAL C 188 4.95 19.99 43.32
N THR C 189 4.84 18.81 43.92
CA THR C 189 4.14 18.64 45.18
C THR C 189 5.15 18.28 46.26
N VAL C 190 5.09 19.00 47.38
CA VAL C 190 6.10 18.89 48.43
C VAL C 190 5.41 18.71 49.78
N PRO C 191 5.94 17.87 50.67
CA PRO C 191 5.32 17.72 51.99
C PRO C 191 5.28 19.04 52.75
N SER C 192 4.24 19.19 53.57
CA SER C 192 4.05 20.41 54.34
C SER C 192 5.22 20.63 55.29
N SER C 193 5.36 21.88 55.74
CA SER C 193 6.43 22.31 56.63
C SER C 193 7.82 22.11 56.01
N THR C 194 7.89 22.04 54.69
CA THR C 194 9.17 21.91 53.98
C THR C 194 9.43 23.07 53.02
N TRP C 195 8.44 23.43 52.20
CA TRP C 195 8.65 24.53 51.25
C TRP C 195 8.91 25.87 51.92
N PRO C 196 8.14 26.32 52.91
CA PRO C 196 8.48 27.59 53.55
C PRO C 196 9.84 27.56 54.23
N SER C 197 10.24 26.42 54.79
CA SER C 197 11.52 26.33 55.48
C SER C 197 12.69 26.29 54.50
N GLU C 198 12.56 25.51 53.42
CA GLU C 198 13.64 25.29 52.48
C GLU C 198 13.19 25.65 51.08
N THR C 199 14.02 26.41 50.36
CA THR C 199 13.68 26.84 49.01
C THR C 199 13.60 25.64 48.07
N VAL C 200 12.76 25.79 47.03
CA VAL C 200 12.55 24.73 46.07
C VAL C 200 13.08 25.09 44.68
N THR C 201 13.16 26.37 44.33
CA THR C 201 13.66 26.84 43.04
C THR C 201 12.87 26.27 41.87
N CYS C 202 13.27 26.63 40.65
CA CYS C 202 12.63 26.11 39.45
C CYS C 202 13.63 26.28 38.30
N ASN C 203 14.16 25.18 37.80
CA ASN C 203 15.19 25.21 36.77
C ASN C 203 14.54 24.95 35.41
N VAL C 204 14.70 25.92 34.50
CA VAL C 204 14.17 25.82 33.14
C VAL C 204 15.28 26.22 32.18
N ALA C 205 15.46 25.42 31.13
CA ALA C 205 16.48 25.67 30.12
C ALA C 205 15.84 25.72 28.74
N HIS C 206 16.34 26.64 27.90
CA HIS C 206 15.89 26.80 26.53
C HIS C 206 17.11 26.69 25.62
N PRO C 207 17.49 25.48 25.22
CA PRO C 207 18.69 25.33 24.38
C PRO C 207 18.62 26.07 23.06
N ALA C 208 17.43 26.25 22.49
CA ALA C 208 17.31 26.95 21.22
C ALA C 208 17.80 28.40 21.33
N SER C 209 17.42 29.08 22.40
CA SER C 209 17.93 30.42 22.68
C SER C 209 19.16 30.40 23.58
N SER C 210 19.59 29.21 24.03
CA SER C 210 20.74 29.08 24.92
C SER C 210 20.59 29.93 26.18
N THR C 211 19.38 29.97 26.72
CA THR C 211 19.07 30.74 27.92
C THR C 211 18.57 29.80 29.00
N LYS C 212 19.16 29.90 30.19
CA LYS C 212 18.74 29.12 31.36
C LYS C 212 18.29 30.09 32.43
N VAL C 213 17.09 29.88 32.95
CA VAL C 213 16.48 30.74 33.95
C VAL C 213 16.31 29.96 35.24
N ASP C 214 16.79 30.53 36.34
CA ASP C 214 16.68 29.90 37.65
C ASP C 214 16.02 30.88 38.61
N LYS C 215 14.92 30.46 39.24
CA LYS C 215 14.23 31.30 40.20
C LYS C 215 13.51 30.40 41.20
N LYS C 216 13.26 30.97 42.38
CA LYS C 216 12.67 30.23 43.49
C LYS C 216 11.31 30.82 43.85
N ILE C 217 10.44 29.97 44.37
CA ILE C 217 9.08 30.36 44.73
C ILE C 217 9.06 30.78 46.18
N VAL C 218 8.62 32.00 46.44
CA VAL C 218 8.52 32.53 47.80
C VAL C 218 7.05 32.68 48.16
N PRO C 219 6.67 32.48 49.42
CA PRO C 219 5.26 32.65 49.80
C PRO C 219 4.81 34.09 49.64
N ARG C 220 3.54 34.26 49.32
CA ARG C 220 2.97 35.58 49.13
C ARG C 220 2.27 36.06 50.41
N ASP D 1 -13.73 6.61 -2.45
CA ASP D 1 -12.95 6.64 -1.21
C ASP D 1 -13.61 5.79 -0.13
N ILE D 2 -12.81 5.06 0.62
CA ILE D 2 -13.28 4.13 1.65
C ILE D 2 -12.91 4.71 3.01
N VAL D 3 -13.90 4.83 3.88
CA VAL D 3 -13.71 5.39 5.21
C VAL D 3 -13.61 4.25 6.21
N MET D 4 -12.57 4.26 7.03
CA MET D 4 -12.33 3.24 8.03
C MET D 4 -12.55 3.80 9.43
N THR D 5 -13.33 3.09 10.24
CA THR D 5 -13.66 3.52 11.59
C THR D 5 -13.39 2.40 12.58
N GLN D 6 -12.87 2.76 13.75
CA GLN D 6 -12.61 1.83 14.83
C GLN D 6 -13.59 2.10 15.96
N SER D 7 -14.23 1.03 16.46
CA SER D 7 -15.34 1.22 17.40
C SER D 7 -14.88 1.82 18.72
N PRO D 8 -14.00 1.17 19.52
CA PRO D 8 -13.62 1.76 20.81
C PRO D 8 -12.53 2.80 20.63
N ALA D 9 -12.90 4.07 20.82
CA ALA D 9 -11.91 5.14 20.70
C ALA D 9 -10.83 5.01 21.77
N SER D 10 -11.23 4.68 23.00
CA SER D 10 -10.31 4.40 24.08
C SER D 10 -10.78 3.15 24.82
N LEU D 11 -9.82 2.39 25.34
CA LEU D 11 -10.15 1.13 25.99
C LEU D 11 -9.10 0.84 27.06
N SER D 12 -9.56 0.49 28.25
CA SER D 12 -8.69 0.23 29.39
C SER D 12 -8.84 -1.22 29.83
N ALA D 13 -7.72 -1.90 30.04
CA ALA D 13 -7.73 -3.29 30.45
C ALA D 13 -6.47 -3.58 31.25
N SER D 14 -6.60 -4.43 32.28
CA SER D 14 -5.49 -4.77 33.13
C SER D 14 -4.62 -5.85 32.47
N VAL D 15 -3.45 -6.06 33.05
CA VAL D 15 -2.51 -7.05 32.52
C VAL D 15 -3.10 -8.44 32.68
N GLY D 16 -3.03 -9.24 31.61
CA GLY D 16 -3.57 -10.58 31.65
C GLY D 16 -5.07 -10.68 31.45
N GLU D 17 -5.65 -9.74 30.71
CA GLU D 17 -7.09 -9.72 30.44
C GLU D 17 -7.33 -9.69 28.94
N THR D 18 -8.18 -10.59 28.46
CA THR D 18 -8.50 -10.63 27.04
C THR D 18 -9.27 -9.38 26.63
N VAL D 19 -8.99 -8.89 25.44
CA VAL D 19 -9.61 -7.66 24.95
C VAL D 19 -9.62 -7.69 23.44
N THR D 20 -10.69 -7.15 22.84
CA THR D 20 -10.85 -7.10 21.40
C THR D 20 -11.15 -5.68 20.96
N ILE D 21 -10.71 -5.34 19.76
CA ILE D 21 -10.99 -4.04 19.15
C ILE D 21 -11.58 -4.28 17.77
N THR D 22 -12.62 -3.53 17.44
CA THR D 22 -13.40 -3.74 16.23
C THR D 22 -13.10 -2.64 15.22
N CYS D 23 -12.90 -3.04 13.97
CA CYS D 23 -12.74 -2.13 12.85
C CYS D 23 -13.88 -2.31 11.87
N ARG D 24 -14.30 -1.21 11.24
CA ARG D 24 -15.41 -1.23 10.29
C ARG D 24 -15.00 -0.48 9.04
N ALA D 25 -15.31 -1.06 7.89
CA ALA D 25 -14.98 -0.47 6.60
C ALA D 25 -16.24 0.04 5.92
N SER D 26 -16.11 1.13 5.17
CA SER D 26 -17.25 1.70 4.47
C SER D 26 -17.80 0.75 3.43
N GLU D 27 -16.92 0.05 2.70
CA GLU D 27 -17.32 -0.87 1.65
C GLU D 27 -16.66 -2.22 1.88
N ASN D 28 -17.00 -3.18 1.03
CA ASN D 28 -16.36 -4.48 1.08
C ASN D 28 -14.93 -4.38 0.58
N ILE D 29 -13.99 -4.99 1.32
CA ILE D 29 -12.58 -4.91 0.96
C ILE D 29 -11.97 -6.30 0.88
N TYR D 30 -12.80 -7.34 1.02
CA TYR D 30 -12.37 -8.72 0.79
C TYR D 30 -11.15 -9.09 1.63
N SER D 31 -11.15 -8.66 2.89
CA SER D 31 -10.09 -8.99 3.84
C SER D 31 -8.72 -8.52 3.32
N TYR D 32 -8.68 -7.28 2.84
CA TYR D 32 -7.44 -6.63 2.44
C TYR D 32 -6.96 -5.63 3.50
N LEU D 33 -7.20 -5.93 4.77
CA LEU D 33 -6.94 -5.00 5.85
C LEU D 33 -5.79 -5.47 6.70
N THR D 34 -4.97 -4.51 7.16
CA THR D 34 -3.81 -4.79 7.99
C THR D 34 -3.87 -3.97 9.26
N TRP D 35 -3.29 -4.52 10.33
CA TRP D 35 -3.30 -3.90 11.65
C TRP D 35 -1.91 -3.42 12.01
N TYR D 36 -1.82 -2.19 12.50
CA TYR D 36 -0.56 -1.60 12.95
C TYR D 36 -0.65 -1.31 14.45
N GLN D 37 0.50 -1.43 15.12
CA GLN D 37 0.60 -1.11 16.54
C GLN D 37 1.70 -0.10 16.73
N GLN D 38 1.38 1.04 17.33
CA GLN D 38 2.33 2.10 17.59
C GLN D 38 2.40 2.35 19.08
N LYS D 39 3.61 2.31 19.63
CA LYS D 39 3.83 2.61 21.04
C LYS D 39 4.12 4.10 21.21
N GLN D 40 4.20 4.52 22.47
CA GLN D 40 4.41 5.93 22.76
C GLN D 40 5.81 6.35 22.33
N GLY D 41 5.87 7.37 21.49
CA GLY D 41 7.15 7.87 20.99
C GLY D 41 7.92 6.88 20.16
N LYS D 42 7.22 6.11 19.32
CA LYS D 42 7.87 5.12 18.47
C LYS D 42 7.12 5.05 17.14
N SER D 43 7.84 4.62 16.12
CA SER D 43 7.22 4.42 14.82
C SER D 43 6.30 3.20 14.85
N PRO D 44 5.20 3.23 14.10
CA PRO D 44 4.29 2.08 14.08
C PRO D 44 4.97 0.85 13.50
N GLN D 45 4.56 -0.32 14.00
CA GLN D 45 5.09 -1.59 13.55
C GLN D 45 3.96 -2.44 12.99
N LEU D 46 4.26 -3.20 11.94
CA LEU D 46 3.28 -4.10 11.36
C LEU D 46 2.97 -5.23 12.32
N LEU D 47 1.68 -5.50 12.53
CA LEU D 47 1.23 -6.51 13.47
C LEU D 47 0.55 -7.67 12.76
N VAL D 48 -0.49 -7.39 11.98
CA VAL D 48 -1.23 -8.42 11.25
C VAL D 48 -1.49 -7.89 9.85
N TYR D 49 -1.17 -8.68 8.83
CA TYR D 49 -1.46 -8.32 7.45
C TYR D 49 -2.43 -9.32 6.85
N ASN D 50 -3.24 -8.84 5.91
CA ASN D 50 -4.33 -9.60 5.30
C ASN D 50 -5.36 -10.06 6.31
N ALA D 51 -5.37 -9.42 7.49
CA ALA D 51 -6.41 -9.55 8.50
C ALA D 51 -6.39 -10.90 9.22
N LYS D 52 -5.57 -11.83 8.76
CA LYS D 52 -5.47 -13.13 9.40
C LYS D 52 -4.05 -13.47 9.85
N THR D 53 -3.07 -13.30 8.97
CA THR D 53 -1.72 -13.78 9.24
C THR D 53 -0.98 -12.83 10.18
N LEU D 54 -0.20 -13.41 11.08
CA LEU D 54 0.60 -12.66 12.03
C LEU D 54 1.95 -12.33 11.41
N ALA D 55 2.39 -11.08 11.58
CA ALA D 55 3.65 -10.65 11.01
C ALA D 55 4.82 -11.35 11.69
N GLU D 56 5.99 -11.26 11.06
CA GLU D 56 7.17 -11.90 11.61
C GLU D 56 7.63 -11.18 12.87
N GLY D 57 8.03 -11.97 13.87
CA GLY D 57 8.51 -11.40 15.11
C GLY D 57 7.44 -10.79 15.99
N VAL D 58 6.21 -11.30 15.92
CA VAL D 58 5.13 -10.80 16.76
C VAL D 58 4.74 -11.89 17.75
N PRO D 59 4.33 -11.55 18.96
CA PRO D 59 3.87 -12.59 19.90
C PRO D 59 2.64 -13.31 19.37
N SER D 60 2.52 -14.59 19.74
CA SER D 60 1.44 -15.42 19.26
C SER D 60 0.10 -15.10 19.89
N ARG D 61 0.08 -14.31 20.97
CA ARG D 61 -1.19 -14.01 21.63
C ARG D 61 -2.09 -13.15 20.76
N PHE D 62 -1.51 -12.31 19.90
CA PHE D 62 -2.33 -11.51 18.99
C PHE D 62 -3.06 -12.41 18.00
N SER D 63 -4.28 -12.04 17.68
CA SER D 63 -5.08 -12.80 16.72
C SER D 63 -6.09 -11.87 16.07
N GLY D 64 -6.21 -11.98 14.75
CA GLY D 64 -7.16 -11.18 14.02
C GLY D 64 -8.04 -12.03 13.12
N SER D 65 -9.32 -11.69 13.02
CA SER D 65 -10.25 -12.49 12.25
C SER D 65 -11.38 -11.60 11.75
N GLY D 66 -11.57 -11.57 10.44
CA GLY D 66 -12.64 -10.81 9.85
C GLY D 66 -12.57 -10.78 8.33
N SER D 67 -13.67 -10.43 7.69
CA SER D 67 -13.72 -10.31 6.24
C SER D 67 -14.93 -9.46 5.87
N GLY D 68 -14.80 -8.75 4.74
CA GLY D 68 -15.89 -7.92 4.28
C GLY D 68 -15.84 -6.52 4.86
N THR D 69 -16.64 -6.27 5.89
CA THR D 69 -16.68 -4.97 6.53
C THR D 69 -16.43 -5.01 8.03
N GLN D 70 -16.37 -6.19 8.64
CA GLN D 70 -16.15 -6.33 10.08
C GLN D 70 -14.82 -7.02 10.32
N PHE D 71 -13.98 -6.41 11.14
CA PHE D 71 -12.69 -6.98 11.49
C PHE D 71 -12.48 -6.84 13.00
N SER D 72 -11.64 -7.72 13.54
CA SER D 72 -11.39 -7.75 14.97
C SER D 72 -9.92 -8.09 15.22
N LEU D 73 -9.44 -7.72 16.40
CA LEU D 73 -8.06 -8.00 16.81
C LEU D 73 -8.07 -8.37 18.29
N LYS D 74 -8.14 -9.68 18.56
CA LYS D 74 -8.08 -10.16 19.92
C LYS D 74 -6.63 -10.17 20.41
N ILE D 75 -6.44 -9.90 21.70
CA ILE D 75 -5.11 -9.86 22.27
C ILE D 75 -4.90 -11.10 23.12
N ASN D 76 -5.99 -11.69 23.59
CA ASN D 76 -5.96 -12.87 24.47
C ASN D 76 -5.20 -12.46 25.72
N SER D 77 -4.15 -13.18 26.13
CA SER D 77 -3.37 -12.78 27.29
C SER D 77 -2.77 -11.40 27.04
N LEU D 78 -2.91 -10.52 28.04
CA LEU D 78 -2.45 -9.15 27.93
C LEU D 78 -1.14 -8.98 28.68
N GLN D 79 -0.14 -8.42 28.01
CA GLN D 79 1.16 -8.19 28.60
C GLN D 79 1.47 -6.70 28.63
N PRO D 80 2.24 -6.25 29.62
CA PRO D 80 2.55 -4.81 29.71
C PRO D 80 3.35 -4.29 28.53
N GLU D 81 4.03 -5.16 27.79
CA GLU D 81 4.85 -4.70 26.68
C GLU D 81 4.03 -4.11 25.55
N ASP D 82 2.75 -4.45 25.43
CA ASP D 82 1.90 -3.92 24.38
C ASP D 82 0.84 -3.03 25.04
N PHE D 83 0.98 -1.73 24.84
CA PHE D 83 0.01 -0.75 25.32
C PHE D 83 0.20 0.51 24.49
N GLY D 84 -0.69 0.73 23.53
CA GLY D 84 -0.54 1.89 22.65
C GLY D 84 -1.65 1.93 21.63
N SER D 85 -1.50 2.85 20.68
CA SER D 85 -2.51 3.00 19.64
C SER D 85 -2.45 1.84 18.66
N TYR D 86 -3.61 1.51 18.10
CA TYR D 86 -3.73 0.49 17.08
C TYR D 86 -4.43 1.08 15.86
N TYR D 87 -3.94 0.72 14.68
CA TYR D 87 -4.38 1.35 13.44
C TYR D 87 -4.71 0.28 12.40
N CYS D 88 -5.51 0.67 11.42
CA CYS D 88 -5.91 -0.20 10.33
C CYS D 88 -5.52 0.43 9.00
N GLN D 89 -5.61 -0.37 7.94
CA GLN D 89 -5.34 0.11 6.59
C GLN D 89 -5.83 -0.93 5.59
N HIS D 90 -6.29 -0.46 4.44
CA HIS D 90 -6.77 -1.33 3.38
C HIS D 90 -5.92 -1.16 2.13
N HIS D 91 -5.81 -2.25 1.36
CA HIS D 91 -5.12 -2.21 0.07
C HIS D 91 -6.08 -2.16 -1.11
N TYR D 92 -7.39 -2.25 -0.87
CA TYR D 92 -8.33 -2.38 -1.98
C TYR D 92 -8.32 -1.14 -2.87
N GLY D 93 -8.50 0.04 -2.28
CA GLY D 93 -8.55 1.25 -3.04
C GLY D 93 -7.17 1.84 -3.29
N THR D 94 -7.16 2.95 -4.01
CA THR D 94 -5.93 3.71 -4.23
C THR D 94 -5.58 4.63 -3.06
N PRO D 95 -6.52 5.38 -2.48
CA PRO D 95 -6.13 6.36 -1.45
C PRO D 95 -5.51 5.75 -0.20
N PHE D 96 -5.75 4.47 0.09
CA PHE D 96 -5.16 3.79 1.25
C PHE D 96 -5.44 4.55 2.54
N THR D 97 -6.72 4.66 2.87
CA THR D 97 -7.10 5.33 4.11
C THR D 97 -6.66 4.52 5.32
N PHE D 98 -6.39 5.22 6.42
CA PHE D 98 -5.75 4.63 7.58
C PHE D 98 -6.67 4.47 8.78
N GLY D 99 -7.87 5.04 8.74
CA GLY D 99 -8.78 4.93 9.87
C GLY D 99 -8.29 5.67 11.10
N THR D 100 -9.15 5.77 12.11
CA THR D 100 -8.79 6.47 13.34
C THR D 100 -8.00 5.54 14.26
N GLY D 101 -7.70 6.03 15.46
CA GLY D 101 -6.90 5.28 16.39
C GLY D 101 -7.71 4.53 17.43
N THR D 102 -6.99 3.74 18.24
CA THR D 102 -7.59 3.01 19.34
C THR D 102 -6.51 2.86 20.41
N LYS D 103 -6.68 3.55 21.53
CA LYS D 103 -5.67 3.60 22.58
C LYS D 103 -5.99 2.59 23.68
N LEU D 104 -4.97 1.86 24.10
CA LEU D 104 -5.06 0.95 25.24
C LEU D 104 -4.32 1.57 26.42
N GLU D 105 -4.97 1.58 27.58
CA GLU D 105 -4.42 2.22 28.76
C GLU D 105 -4.61 1.32 29.97
N ILE D 106 -3.74 1.51 30.96
CA ILE D 106 -3.79 0.69 32.16
C ILE D 106 -5.06 1.02 32.96
N LYS D 107 -5.55 0.04 33.70
CA LYS D 107 -6.72 0.21 34.55
C LYS D 107 -6.28 0.23 36.00
N ARG D 108 -6.93 1.09 36.80
CA ARG D 108 -6.64 1.20 38.21
C ARG D 108 -7.90 1.63 38.94
N ALA D 109 -7.82 1.66 40.27
CA ALA D 109 -8.93 2.14 41.08
C ALA D 109 -9.14 3.62 40.85
N ASP D 110 -10.40 4.05 40.88
CA ASP D 110 -10.74 5.44 40.64
C ASP D 110 -10.15 6.33 41.73
N ALA D 111 -9.77 7.54 41.32
CA ALA D 111 -9.17 8.51 42.23
C ALA D 111 -9.81 9.87 42.00
N ALA D 112 -9.79 10.70 43.05
CA ALA D 112 -10.33 12.05 42.94
C ALA D 112 -9.22 13.04 42.66
N PRO D 113 -9.49 14.08 41.86
CA PRO D 113 -8.45 15.07 41.56
C PRO D 113 -8.06 15.86 42.78
N THR D 114 -6.80 16.28 42.81
CA THR D 114 -6.28 17.18 43.85
C THR D 114 -6.21 18.58 43.25
N VAL D 115 -7.35 19.27 43.27
CA VAL D 115 -7.46 20.55 42.59
C VAL D 115 -6.75 21.62 43.39
N SER D 116 -5.90 22.39 42.71
CA SER D 116 -5.21 23.52 43.30
C SER D 116 -5.29 24.70 42.35
N ILE D 117 -5.46 25.90 42.90
CA ILE D 117 -5.56 27.12 42.11
C ILE D 117 -4.47 28.08 42.55
N PHE D 118 -4.02 28.91 41.62
CA PHE D 118 -2.90 29.80 41.87
C PHE D 118 -3.18 31.20 41.33
N PRO D 119 -2.87 32.24 42.11
CA PRO D 119 -3.00 33.60 41.61
C PRO D 119 -1.89 33.92 40.63
N PRO D 120 -2.06 34.94 39.79
CA PRO D 120 -0.96 35.40 38.94
C PRO D 120 0.19 35.91 39.79
N SER D 121 1.42 35.71 39.30
CA SER D 121 2.60 36.09 40.04
C SER D 121 2.70 37.61 40.16
N SER D 122 3.45 38.05 41.16
CA SER D 122 3.61 39.48 41.39
C SER D 122 4.29 40.16 40.19
N GLU D 123 5.35 39.55 39.68
CA GLU D 123 6.03 40.11 38.51
C GLU D 123 5.29 39.82 37.22
N GLN D 124 4.37 38.86 37.22
CA GLN D 124 3.53 38.62 36.05
C GLN D 124 2.64 39.82 35.77
N LEU D 125 2.10 40.43 36.82
CA LEU D 125 1.20 41.56 36.64
C LEU D 125 1.94 42.78 36.11
N THR D 126 3.20 42.98 36.53
CA THR D 126 3.94 44.15 36.10
C THR D 126 4.17 44.17 34.60
N SER D 127 4.33 42.99 33.98
CA SER D 127 4.52 42.93 32.54
C SER D 127 3.31 43.45 31.80
N GLY D 128 2.11 43.11 32.26
CA GLY D 128 0.90 43.59 31.63
C GLY D 128 -0.12 42.50 31.35
N GLY D 129 0.15 41.30 31.84
CA GLY D 129 -0.76 40.19 31.67
C GLY D 129 -1.04 39.51 32.99
N ALA D 130 -2.13 38.74 33.00
CA ALA D 130 -2.54 38.00 34.19
C ALA D 130 -2.98 36.60 33.77
N SER D 131 -2.37 35.58 34.37
CA SER D 131 -2.71 34.19 34.09
C SER D 131 -3.07 33.50 35.40
N VAL D 132 -4.20 32.81 35.41
CA VAL D 132 -4.66 32.06 36.57
C VAL D 132 -4.63 30.58 36.21
N VAL D 133 -3.87 29.81 36.97
CA VAL D 133 -3.62 28.40 36.67
C VAL D 133 -4.29 27.55 37.74
N CYS D 134 -5.07 26.56 37.29
CA CYS D 134 -5.74 25.61 38.17
C CYS D 134 -5.27 24.22 37.81
N PHE D 135 -4.67 23.53 38.77
CA PHE D 135 -4.10 22.20 38.55
C PHE D 135 -5.06 21.12 39.02
N LEU D 136 -5.02 19.98 38.32
CA LEU D 136 -5.83 18.81 38.65
C LEU D 136 -4.93 17.59 38.52
N ASN D 137 -4.46 17.06 39.65
CA ASN D 137 -3.46 16.00 39.65
C ASN D 137 -4.05 14.70 40.18
N ASN D 138 -3.60 13.58 39.59
CA ASN D 138 -3.84 12.24 40.10
C ASN D 138 -5.33 11.91 40.17
N PHE D 139 -5.93 11.86 38.99
CA PHE D 139 -7.29 11.36 38.80
C PHE D 139 -7.24 10.28 37.73
N TYR D 140 -7.83 9.11 38.01
CA TYR D 140 -7.68 8.03 37.04
C TYR D 140 -8.60 8.22 35.82
N PRO D 141 -9.92 8.33 35.97
CA PRO D 141 -10.74 8.58 34.78
C PRO D 141 -10.47 9.96 34.22
N LYS D 142 -10.18 10.00 32.91
CA LYS D 142 -9.59 11.18 32.29
C LYS D 142 -10.64 12.05 31.57
N ASP D 143 -11.84 12.13 32.12
CA ASP D 143 -12.93 12.85 31.47
C ASP D 143 -13.54 13.89 32.41
N ILE D 144 -12.68 14.69 33.05
CA ILE D 144 -13.18 15.76 33.91
C ILE D 144 -13.64 16.93 33.05
N ASN D 145 -14.38 17.84 33.68
CA ASN D 145 -14.74 19.12 33.08
C ASN D 145 -14.38 20.23 34.07
N VAL D 146 -13.68 21.25 33.59
CA VAL D 146 -13.24 22.36 34.42
C VAL D 146 -14.05 23.59 34.07
N LYS D 147 -14.62 24.23 35.09
CA LYS D 147 -15.46 25.40 34.91
C LYS D 147 -14.87 26.55 35.71
N TRP D 148 -14.78 27.72 35.07
CA TRP D 148 -14.19 28.91 35.67
C TRP D 148 -15.30 29.90 35.99
N LYS D 149 -15.56 30.10 37.29
CA LYS D 149 -16.54 31.09 37.73
C LYS D 149 -15.78 32.33 38.18
N ILE D 150 -15.76 33.36 37.32
CA ILE D 150 -15.06 34.59 37.67
C ILE D 150 -15.80 35.35 38.76
N ASP D 151 -17.14 35.40 38.68
CA ASP D 151 -17.97 35.86 39.80
C ASP D 151 -19.30 35.13 39.67
N GLY D 152 -19.38 33.95 40.30
CA GLY D 152 -20.56 33.10 40.19
C GLY D 152 -21.02 32.86 38.76
N SER D 153 -20.18 33.16 37.78
CA SER D 153 -20.56 33.11 36.37
C SER D 153 -19.44 32.49 35.56
N GLU D 154 -19.78 31.56 34.69
CA GLU D 154 -18.81 30.84 33.89
C GLU D 154 -18.28 31.72 32.76
N ARG D 155 -17.13 31.33 32.23
CA ARG D 155 -16.54 31.98 31.06
C ARG D 155 -15.51 31.04 30.46
N GLN D 156 -15.53 30.92 29.12
CA GLN D 156 -14.63 30.01 28.42
C GLN D 156 -13.88 30.70 27.28
N ASN D 157 -13.79 32.03 27.31
CA ASN D 157 -13.17 32.73 26.19
C ASN D 157 -11.65 32.54 26.17
N GLY D 158 -11.00 32.65 27.32
CA GLY D 158 -9.55 32.60 27.36
C GLY D 158 -8.98 31.37 28.05
N VAL D 159 -9.77 30.30 28.13
CA VAL D 159 -9.36 29.10 28.85
C VAL D 159 -8.58 28.19 27.91
N LEU D 160 -7.41 27.74 28.35
CA LEU D 160 -6.58 26.79 27.62
C LEU D 160 -6.30 25.60 28.52
N ASN D 161 -6.50 24.40 27.99
CA ASN D 161 -6.35 23.17 28.76
C ASN D 161 -5.24 22.32 28.19
N SER D 162 -4.48 21.69 29.08
CA SER D 162 -3.41 20.78 28.71
C SER D 162 -3.56 19.50 29.52
N TRP D 163 -3.44 18.35 28.85
CA TRP D 163 -3.61 17.05 29.48
C TRP D 163 -2.30 16.28 29.47
N THR D 164 -2.00 15.65 30.61
CA THR D 164 -0.83 14.79 30.74
C THR D 164 -1.24 13.34 30.52
N ASP D 165 -0.50 12.64 29.67
CA ASP D 165 -0.79 11.23 29.42
C ASP D 165 -0.53 10.41 30.67
N GLN D 166 -1.10 9.21 30.69
CA GLN D 166 -0.97 8.32 31.84
C GLN D 166 0.50 8.06 32.17
N ASP D 167 0.86 8.24 33.44
CA ASP D 167 2.25 8.18 33.84
C ASP D 167 2.73 6.73 33.93
N SER D 168 3.99 6.56 34.32
CA SER D 168 4.62 5.26 34.38
C SER D 168 4.70 4.70 35.80
N LYS D 169 5.26 5.46 36.74
CA LYS D 169 5.33 5.01 38.12
C LYS D 169 3.93 4.79 38.68
N ASP D 170 3.03 5.75 38.42
CA ASP D 170 1.62 5.58 38.71
C ASP D 170 0.88 5.30 37.41
N SER D 171 -0.45 5.21 37.51
CA SER D 171 -1.28 4.98 36.33
C SER D 171 -2.47 5.93 36.34
N THR D 172 -2.21 7.20 36.63
CA THR D 172 -3.24 8.22 36.71
C THR D 172 -2.97 9.32 35.68
N TYR D 173 -3.75 10.39 35.74
CA TYR D 173 -3.65 11.49 34.80
C TYR D 173 -3.43 12.79 35.55
N SER D 174 -3.23 13.86 34.78
CA SER D 174 -3.09 15.20 35.34
C SER D 174 -3.50 16.20 34.26
N MET D 175 -4.17 17.28 34.68
CA MET D 175 -4.65 18.28 33.75
C MET D 175 -4.40 19.66 34.32
N SER D 176 -3.89 20.56 33.49
CA SER D 176 -3.66 21.95 33.85
C SER D 176 -4.56 22.82 33.00
N SER D 177 -5.38 23.64 33.66
CA SER D 177 -6.28 24.57 32.98
C SER D 177 -5.90 25.98 33.37
N THR D 178 -5.42 26.76 32.41
CA THR D 178 -4.99 28.12 32.64
C THR D 178 -5.93 29.09 31.94
N LEU D 179 -6.34 30.13 32.64
CA LEU D 179 -7.21 31.17 32.10
C LEU D 179 -6.40 32.46 32.06
N THR D 180 -6.23 33.02 30.86
CA THR D 180 -5.41 34.20 30.67
C THR D 180 -6.28 35.46 30.59
N LEU D 181 -5.83 36.50 31.28
CA LEU D 181 -6.53 37.78 31.29
C LEU D 181 -5.54 38.91 31.10
N THR D 182 -5.97 39.96 30.41
CA THR D 182 -5.13 41.14 30.31
C THR D 182 -5.13 41.90 31.62
N LYS D 183 -4.12 42.76 31.77
CA LYS D 183 -4.09 43.66 32.91
C LYS D 183 -5.29 44.61 32.85
N ASP D 184 -5.50 45.34 33.95
CA ASP D 184 -6.63 46.27 34.12
C ASP D 184 -7.98 45.60 33.86
N GLU D 185 -8.00 44.27 33.84
CA GLU D 185 -9.23 43.50 33.71
C GLU D 185 -9.25 42.46 34.81
N TYR D 186 -8.08 41.98 35.21
CA TYR D 186 -7.97 41.01 36.27
C TYR D 186 -8.42 41.57 37.62
N GLU D 187 -8.31 42.87 37.82
CA GLU D 187 -8.62 43.50 39.10
C GLU D 187 -10.04 44.05 39.18
N ARG D 188 -10.86 43.86 38.16
CA ARG D 188 -12.24 44.34 38.18
C ARG D 188 -13.24 43.23 38.49
N HIS D 189 -12.77 42.11 39.04
CA HIS D 189 -13.67 41.00 39.35
C HIS D 189 -13.40 40.33 40.69
N ASN D 190 -12.45 40.81 41.49
CA ASN D 190 -12.23 40.33 42.85
C ASN D 190 -11.93 38.83 42.90
N SER D 191 -12.95 38.03 43.21
CA SER D 191 -12.76 36.62 43.48
C SER D 191 -12.58 35.81 42.20
N TYR D 192 -11.97 34.63 42.35
CA TYR D 192 -11.83 33.67 41.27
C TYR D 192 -11.95 32.27 41.84
N THR D 193 -12.39 31.34 41.01
CA THR D 193 -12.50 29.94 41.43
C THR D 193 -12.57 29.04 40.21
N CYS D 194 -11.89 27.90 40.29
CA CYS D 194 -11.96 26.86 39.27
C CYS D 194 -12.72 25.68 39.82
N GLU D 195 -13.67 25.17 39.04
CA GLU D 195 -14.56 24.09 39.46
C GLU D 195 -14.24 22.84 38.66
N ALA D 196 -14.13 21.71 39.37
CA ALA D 196 -13.85 20.42 38.75
C ALA D 196 -14.95 19.45 39.11
N THR D 197 -15.50 18.78 38.09
CA THR D 197 -16.48 17.72 38.28
C THR D 197 -15.92 16.42 37.73
N HIS D 198 -16.24 15.33 38.39
CA HIS D 198 -15.64 14.04 38.07
C HIS D 198 -16.60 12.93 38.47
N LYS D 199 -16.41 11.75 37.88
CA LYS D 199 -17.29 10.63 38.17
C LYS D 199 -17.06 10.03 39.55
N THR D 200 -15.97 10.40 40.23
CA THR D 200 -15.69 9.82 41.53
C THR D 200 -16.62 10.37 42.62
N SER D 201 -17.21 11.54 42.40
CA SER D 201 -18.09 12.15 43.38
C SER D 201 -19.17 12.95 42.65
N THR D 202 -20.37 12.96 43.24
CA THR D 202 -21.47 13.68 42.63
C THR D 202 -21.25 15.19 42.67
N SER D 203 -20.89 15.72 43.84
CA SER D 203 -20.67 17.15 43.97
C SER D 203 -19.34 17.56 43.35
N PRO D 204 -19.28 18.72 42.70
CA PRO D 204 -18.01 19.20 42.15
C PRO D 204 -17.23 19.95 43.22
N ILE D 205 -15.95 19.61 43.33
CA ILE D 205 -15.10 20.21 44.35
C ILE D 205 -14.67 21.60 43.90
N VAL D 206 -14.60 22.53 44.84
CA VAL D 206 -14.42 23.95 44.56
C VAL D 206 -13.13 24.43 45.21
N LYS D 207 -12.27 25.07 44.42
CA LYS D 207 -11.11 25.78 44.92
C LYS D 207 -11.23 27.23 44.51
N SER D 208 -11.21 28.12 45.50
CA SER D 208 -11.49 29.53 45.27
C SER D 208 -10.26 30.38 45.60
N PHE D 209 -10.38 31.67 45.30
CA PHE D 209 -9.28 32.61 45.48
C PHE D 209 -9.82 34.03 45.41
N ASN D 210 -9.40 34.86 46.35
CA ASN D 210 -9.80 36.27 46.39
C ASN D 210 -8.59 37.14 46.13
N ARG D 211 -8.74 38.10 45.21
CA ARG D 211 -7.61 38.94 44.82
C ARG D 211 -7.14 39.80 45.99
N ASN D 212 -8.07 40.40 46.72
CA ASN D 212 -7.72 41.31 47.82
C ASN D 212 -7.60 40.57 49.15
N GLU D 213 -6.77 39.52 49.16
CA GLU D 213 -6.53 38.71 50.35
C GLU D 213 -7.83 38.16 50.94
#